data_7UPS
#
_entry.id   7UPS
#
_cell.length_a   153.200
_cell.length_b   75.620
_cell.length_c   101.200
_cell.angle_alpha   90.000
_cell.angle_beta   127.910
_cell.angle_gamma   90.000
#
_symmetry.space_group_name_H-M   'C 1 2 1'
#
loop_
_entity.id
_entity.type
_entity.pdbx_description
1 polymer 'DotY (Lpg0294)'
2 non-polymer 1,2-ETHANEDIOL
3 water water
#
_entity_poly.entity_id   1
_entity_poly.type   'polypeptide(L)'
_entity_poly.pdbx_seq_one_letter_code
;SNATRDALLKAMQVGETSIEAAEYMATRFEQILTKAKLLPECNDMLEKIKEYAQFVKFKLLSSAQVWSGQERPTSDYQNT
QENKAEFLASHLEGLPSGLKLEVAIGDDAKILRGFSSNGKMVEGDQLKTMDGLLEGWLAKNSLAISGGAVVKIDNTGNQT
KVDPQEIRQLINDSEKGVAKYFADKGVGMEVAQRTYQEPKALETKREEIRQEIES
;
_entity_poly.pdbx_strand_id   A,B,C,D
#
# COMPACT_ATOMS: atom_id res chain seq x y z
N SER A 1 -15.05 -16.30 -8.30
CA SER A 1 -14.24 -15.20 -7.77
C SER A 1 -14.75 -14.77 -6.40
N ASN A 2 -14.29 -15.46 -5.36
CA ASN A 2 -14.69 -15.14 -4.01
C ASN A 2 -13.89 -13.95 -3.46
N ALA A 3 -14.53 -13.18 -2.58
CA ALA A 3 -13.91 -11.97 -2.04
C ALA A 3 -12.65 -12.29 -1.25
N THR A 4 -12.63 -13.42 -0.55
CA THR A 4 -11.46 -13.81 0.23
C THR A 4 -10.25 -14.01 -0.67
N ARG A 5 -10.46 -14.58 -1.87
CA ARG A 5 -9.36 -14.80 -2.80
C ARG A 5 -8.75 -13.47 -3.24
N ASP A 6 -9.59 -12.51 -3.58
CA ASP A 6 -9.10 -11.19 -3.98
C ASP A 6 -8.39 -10.51 -2.82
N ALA A 7 -8.91 -10.68 -1.61
CA ALA A 7 -8.28 -10.06 -0.44
C ALA A 7 -6.90 -10.65 -0.18
N LEU A 8 -6.77 -11.98 -0.25
CA LEU A 8 -5.47 -12.61 -0.06
C LEU A 8 -4.49 -12.20 -1.15
N LEU A 9 -4.96 -12.13 -2.39
CA LEU A 9 -4.07 -11.76 -3.48
C LEU A 9 -3.62 -10.31 -3.35
N LYS A 10 -4.55 -9.42 -2.96
CA LYS A 10 -4.18 -8.02 -2.72
C LYS A 10 -3.22 -7.90 -1.54
N ALA A 11 -3.40 -8.73 -0.51
CA ALA A 11 -2.49 -8.70 0.63
C ALA A 11 -1.09 -9.12 0.21
N MET A 12 -0.98 -10.15 -0.63
CA MET A 12 0.33 -10.55 -1.14
C MET A 12 0.95 -9.44 -1.98
N GLN A 13 0.14 -8.83 -2.86
CA GLN A 13 0.67 -7.77 -3.73
C GLN A 13 1.11 -6.55 -2.94
N VAL A 14 0.33 -6.16 -1.92
CA VAL A 14 0.70 -5.03 -1.08
C VAL A 14 1.96 -5.34 -0.28
N GLY A 15 2.07 -6.56 0.24
CA GLY A 15 3.25 -6.96 0.98
C GLY A 15 4.53 -6.90 0.17
N GLU A 16 4.42 -7.01 -1.16
CA GLU A 16 5.57 -6.89 -2.05
C GLU A 16 5.98 -5.44 -2.32
N THR A 17 5.21 -4.46 -1.84
CA THR A 17 5.49 -3.07 -2.18
C THR A 17 6.67 -2.52 -1.38
N SER A 18 6.73 -2.82 -0.08
CA SER A 18 7.74 -2.23 0.80
C SER A 18 8.15 -3.26 1.84
N ILE A 19 9.21 -2.92 2.58
CA ILE A 19 9.68 -3.80 3.64
C ILE A 19 8.69 -3.85 4.80
N GLU A 20 8.08 -2.71 5.14
CA GLU A 20 7.07 -2.69 6.20
C GLU A 20 5.87 -3.55 5.83
N ALA A 21 5.38 -3.39 4.59
CA ALA A 21 4.26 -4.21 4.14
C ALA A 21 4.62 -5.69 4.11
N ALA A 22 5.87 -6.02 3.79
CA ALA A 22 6.29 -7.42 3.85
C ALA A 22 6.32 -7.92 5.29
N GLU A 23 6.71 -7.06 6.24
CA GLU A 23 6.70 -7.47 7.64
C GLU A 23 5.28 -7.71 8.14
N TYR A 24 4.29 -7.01 7.58
CA TYR A 24 2.92 -7.14 8.03
C TYR A 24 2.07 -8.08 7.16
N MET A 25 2.64 -8.57 6.06
CA MET A 25 1.91 -9.43 5.13
C MET A 25 1.34 -10.67 5.83
N ALA A 26 2.15 -11.35 6.63
CA ALA A 26 1.68 -12.57 7.28
C ALA A 26 0.54 -12.28 8.26
N THR A 27 0.63 -11.16 8.99
CA THR A 27 -0.44 -10.77 9.90
C THR A 27 -1.73 -10.51 9.13
N ARG A 28 -1.61 -9.84 7.97
CA ARG A 28 -2.81 -9.55 7.18
C ARG A 28 -3.42 -10.82 6.63
N PHE A 29 -2.58 -11.75 6.15
CA PHE A 29 -3.06 -13.05 5.70
C PHE A 29 -3.79 -13.78 6.82
N GLU A 30 -3.25 -13.74 8.03
CA GLU A 30 -3.91 -14.40 9.14
C GLU A 30 -5.26 -13.75 9.44
N GLN A 31 -5.32 -12.42 9.37
CA GLN A 31 -6.59 -11.75 9.61
C GLN A 31 -7.63 -12.17 8.59
N ILE A 32 -7.24 -12.22 7.32
CA ILE A 32 -8.19 -12.60 6.28
C ILE A 32 -8.63 -14.06 6.46
N LEU A 33 -7.70 -14.96 6.73
CA LEU A 33 -8.04 -16.37 6.87
C LEU A 33 -8.93 -16.62 8.08
N THR A 34 -8.61 -15.99 9.22
CA THR A 34 -9.43 -16.18 10.41
C THR A 34 -10.82 -15.59 10.21
N LYS A 35 -10.91 -14.42 9.58
CA LYS A 35 -12.21 -13.83 9.31
C LYS A 35 -13.05 -14.72 8.39
N ALA A 36 -12.40 -15.55 7.59
CA ALA A 36 -13.09 -16.51 6.73
C ALA A 36 -13.13 -17.90 7.33
N LYS A 37 -12.63 -18.07 8.56
CA LYS A 37 -12.59 -19.37 9.22
C LYS A 37 -11.88 -20.41 8.37
N LEU A 38 -10.80 -19.99 7.71
CA LEU A 38 -10.02 -20.86 6.83
C LEU A 38 -8.85 -21.51 7.54
N LEU A 39 -8.73 -21.34 8.84
CA LEU A 39 -7.71 -21.97 9.65
C LEU A 39 -8.34 -23.02 10.55
N PRO A 40 -7.66 -24.15 10.82
CA PRO A 40 -6.25 -24.41 10.51
C PRO A 40 -6.00 -25.09 9.16
N GLU A 41 -7.03 -25.11 8.30
CA GLU A 41 -6.92 -25.79 7.01
C GLU A 41 -5.89 -25.12 6.12
N CYS A 42 -5.74 -23.80 6.23
CA CYS A 42 -4.82 -23.03 5.41
C CYS A 42 -3.55 -22.64 6.17
N ASN A 43 -3.09 -23.48 7.10
CA ASN A 43 -1.87 -23.16 7.84
C ASN A 43 -0.64 -23.17 6.94
N ASP A 44 -0.60 -24.09 5.96
CA ASP A 44 0.54 -24.18 5.07
C ASP A 44 0.72 -22.91 4.26
N MET A 45 -0.39 -22.33 3.80
CA MET A 45 -0.33 -21.07 3.08
C MET A 45 0.28 -19.97 3.96
N LEU A 46 -0.12 -19.92 5.23
CA LEU A 46 0.43 -18.91 6.13
C LEU A 46 1.92 -19.11 6.36
N GLU A 47 2.36 -20.36 6.52
CA GLU A 47 3.80 -20.62 6.70
C GLU A 47 4.58 -20.19 5.46
N LYS A 48 4.06 -20.54 4.28
CA LYS A 48 4.71 -20.10 3.05
C LYS A 48 4.70 -18.59 2.92
N ILE A 49 3.66 -17.92 3.42
CA ILE A 49 3.60 -16.47 3.35
C ILE A 49 4.66 -15.85 4.25
N LYS A 50 4.87 -16.42 5.43
CA LYS A 50 5.92 -15.90 6.32
C LYS A 50 7.30 -16.03 5.68
N GLU A 51 7.58 -17.20 5.11
CA GLU A 51 8.88 -17.40 4.48
C GLU A 51 9.04 -16.51 3.25
N TYR A 52 7.99 -16.40 2.44
CA TYR A 52 7.98 -15.50 1.30
C TYR A 52 8.20 -14.06 1.73
N ALA A 53 7.64 -13.67 2.88
CA ALA A 53 7.84 -12.32 3.38
C ALA A 53 9.31 -12.07 3.68
N GLN A 54 9.99 -13.05 4.27
CA GLN A 54 11.42 -12.88 4.52
C GLN A 54 12.19 -12.75 3.21
N PHE A 55 11.85 -13.57 2.23
CA PHE A 55 12.52 -13.50 0.93
C PHE A 55 12.30 -12.15 0.28
N VAL A 56 11.06 -11.66 0.32
CA VAL A 56 10.71 -10.38 -0.28
C VAL A 56 11.42 -9.23 0.43
N LYS A 57 11.54 -9.30 1.75
CA LYS A 57 12.25 -8.24 2.46
C LYS A 57 13.70 -8.16 1.99
N PHE A 58 14.38 -9.31 1.88
CA PHE A 58 15.76 -9.22 1.43
C PHE A 58 15.84 -8.76 -0.03
N LYS A 59 14.91 -9.21 -0.86
CA LYS A 59 14.88 -8.78 -2.26
C LYS A 59 14.71 -7.27 -2.37
N LEU A 60 13.76 -6.72 -1.62
CA LEU A 60 13.49 -5.28 -1.68
C LEU A 60 14.67 -4.49 -1.15
N LEU A 61 15.29 -4.94 -0.06
CA LEU A 61 16.43 -4.22 0.49
C LEU A 61 17.60 -4.22 -0.48
N SER A 62 17.93 -5.39 -1.04
CA SER A 62 19.05 -5.45 -1.98
C SER A 62 18.78 -4.66 -3.25
N SER A 63 17.58 -4.80 -3.83
CA SER A 63 17.26 -4.09 -5.07
C SER A 63 17.23 -2.57 -4.88
N ALA A 64 16.59 -2.10 -3.81
CA ALA A 64 16.44 -0.66 -3.62
C ALA A 64 17.79 0.00 -3.43
N GLN A 65 18.71 -0.66 -2.74
CA GLN A 65 20.06 -0.14 -2.54
C GLN A 65 20.89 -0.50 -3.76
N VAL A 66 20.99 0.43 -4.70
CA VAL A 66 21.70 0.19 -5.96
C VAL A 66 23.20 0.26 -5.72
N TRP A 67 23.93 -0.75 -6.18
CA TRP A 67 25.38 -0.77 -6.08
C TRP A 67 25.97 0.15 -7.14
N SER A 68 26.84 1.08 -6.71
CA SER A 68 27.47 2.05 -7.60
C SER A 68 28.99 1.86 -7.67
N GLY A 69 29.49 0.68 -7.32
CA GLY A 69 30.91 0.44 -7.33
C GLY A 69 31.47 0.31 -8.74
N GLN A 70 32.79 0.49 -8.83
CA GLN A 70 33.53 0.32 -10.07
C GLN A 70 33.50 -1.15 -10.51
N GLU A 71 32.78 -1.44 -11.60
CA GLU A 71 32.79 -2.79 -12.17
C GLU A 71 34.13 -3.07 -12.84
N ARG A 72 34.30 -2.57 -14.05
CA ARG A 72 35.54 -2.66 -14.82
C ARG A 72 36.63 -1.67 -14.36
N PRO A 73 36.30 -0.45 -13.93
CA PRO A 73 37.36 0.48 -13.50
C PRO A 73 38.27 -0.13 -12.43
N THR A 74 39.58 -0.07 -12.69
CA THR A 74 40.56 -0.65 -11.78
C THR A 74 41.79 0.24 -11.65
N SER A 75 42.83 -0.04 -12.45
CA SER A 75 44.12 0.62 -12.35
C SER A 75 44.64 0.54 -10.91
N ASP A 76 44.77 1.69 -10.25
CA ASP A 76 45.10 1.72 -8.82
C ASP A 76 43.81 1.69 -8.01
N TYR A 77 43.10 0.56 -8.12
CA TYR A 77 41.80 0.41 -7.50
C TYR A 77 41.89 0.14 -6.00
N GLN A 78 42.96 -0.52 -5.54
CA GLN A 78 43.10 -0.87 -4.14
C GLN A 78 43.30 0.37 -3.28
N ASN A 79 44.37 1.13 -3.57
CA ASN A 79 44.74 2.25 -2.70
C ASN A 79 43.70 3.36 -2.72
N THR A 80 43.09 3.62 -3.88
CA THR A 80 42.09 4.69 -3.95
C THR A 80 40.88 4.36 -3.08
N GLN A 81 40.39 3.12 -3.17
CA GLN A 81 39.28 2.71 -2.32
C GLN A 81 39.67 2.76 -0.84
N GLU A 82 40.89 2.34 -0.52
CA GLU A 82 41.32 2.37 0.87
C GLU A 82 41.38 3.81 1.41
N ASN A 83 41.82 4.76 0.57
CA ASN A 83 41.88 6.15 1.00
C ASN A 83 40.47 6.72 1.18
N LYS A 84 39.58 6.47 0.21
CA LYS A 84 38.20 6.89 0.35
C LYS A 84 37.57 6.31 1.61
N ALA A 85 38.01 5.12 2.02
CA ALA A 85 37.45 4.52 3.22
C ALA A 85 38.06 5.14 4.49
N GLU A 86 39.34 5.50 4.43
CA GLU A 86 39.92 6.25 5.55
C GLU A 86 39.23 7.60 5.72
N PHE A 87 38.64 8.14 4.64
CA PHE A 87 37.86 9.36 4.73
C PHE A 87 36.48 9.08 5.34
N LEU A 88 35.77 8.12 4.74
CA LEU A 88 34.49 7.65 5.27
C LEU A 88 34.56 7.31 6.75
N ALA A 89 35.75 6.95 7.25
CA ALA A 89 35.88 6.52 8.63
C ALA A 89 36.14 7.69 9.58
N SER A 90 36.46 8.86 9.05
CA SER A 90 36.38 10.06 9.87
C SER A 90 34.95 10.59 9.86
N HIS A 91 34.40 10.81 8.66
CA HIS A 91 33.02 11.27 8.53
C HIS A 91 32.02 10.16 8.88
N LEU A 92 32.17 9.56 10.07
CA LEU A 92 31.30 8.49 10.52
C LEU A 92 30.11 8.96 11.34
N GLU A 93 30.10 10.21 11.78
CA GLU A 93 28.99 10.69 12.59
C GLU A 93 27.71 10.70 11.77
N GLY A 94 26.60 10.48 12.46
CA GLY A 94 25.32 10.41 11.80
C GLY A 94 25.04 9.08 11.16
N LEU A 95 25.59 8.00 11.72
CA LEU A 95 25.32 6.63 11.33
C LEU A 95 24.39 6.02 12.34
N PRO A 96 23.31 5.37 11.93
CA PRO A 96 22.37 4.83 12.92
C PRO A 96 22.98 3.66 13.67
N SER A 97 22.25 3.22 14.70
CA SER A 97 22.64 2.09 15.52
C SER A 97 22.11 0.80 14.89
N GLY A 98 22.43 -0.33 15.52
CA GLY A 98 21.97 -1.63 15.07
C GLY A 98 22.24 -1.90 13.60
N LEU A 99 23.44 -1.59 13.15
CA LEU A 99 23.79 -1.77 11.75
C LEU A 99 23.99 -3.25 11.43
N LYS A 100 23.41 -3.69 10.32
CA LYS A 100 23.49 -5.07 9.89
C LYS A 100 23.73 -5.14 8.40
N LEU A 101 24.62 -6.05 8.00
CA LEU A 101 24.86 -6.33 6.59
C LEU A 101 24.38 -7.74 6.32
N GLU A 102 23.44 -7.87 5.38
CA GLU A 102 22.96 -9.15 4.92
C GLU A 102 23.57 -9.39 3.55
N VAL A 103 24.32 -10.48 3.39
CA VAL A 103 25.03 -10.76 2.16
C VAL A 103 24.82 -12.22 1.77
N ALA A 104 24.53 -12.46 0.49
CA ALA A 104 24.33 -13.79 -0.04
C ALA A 104 25.25 -14.00 -1.23
N ILE A 105 25.96 -15.12 -1.24
CA ILE A 105 26.85 -15.51 -2.33
C ILE A 105 26.31 -16.80 -2.92
N GLY A 106 25.95 -16.76 -4.21
CA GLY A 106 25.45 -17.94 -4.87
C GLY A 106 26.54 -18.88 -5.34
N ASP A 107 26.12 -20.09 -5.70
CA ASP A 107 27.08 -21.08 -6.21
C ASP A 107 27.67 -20.65 -7.55
N ASP A 108 27.03 -19.71 -8.25
CA ASP A 108 27.53 -19.16 -9.50
C ASP A 108 28.26 -17.83 -9.29
N ALA A 109 28.58 -17.48 -8.04
CA ALA A 109 29.30 -16.30 -7.59
C ALA A 109 28.44 -15.05 -7.58
N LYS A 110 27.14 -15.17 -7.87
CA LYS A 110 26.25 -14.01 -7.78
C LYS A 110 26.20 -13.53 -6.34
N ILE A 111 26.20 -12.21 -6.16
CA ILE A 111 26.26 -11.60 -4.83
C ILE A 111 25.09 -10.65 -4.67
N LEU A 112 24.47 -10.67 -3.49
CA LEU A 112 23.44 -9.72 -3.12
C LEU A 112 23.76 -9.17 -1.74
N ARG A 113 23.58 -7.85 -1.58
CA ARG A 113 23.90 -7.20 -0.31
C ARG A 113 22.78 -6.25 0.08
N GLY A 114 22.55 -6.14 1.39
CA GLY A 114 21.59 -5.21 1.96
C GLY A 114 22.05 -4.66 3.29
N PHE A 115 22.08 -3.34 3.43
CA PHE A 115 22.42 -2.69 4.68
C PHE A 115 21.15 -2.25 5.40
N SER A 116 21.03 -2.62 6.66
CA SER A 116 19.82 -2.34 7.43
C SER A 116 20.20 -1.76 8.78
N SER A 117 19.30 -0.97 9.35
CA SER A 117 19.46 -0.40 10.69
C SER A 117 18.22 -0.70 11.50
N ASN A 118 18.35 -1.58 12.49
CA ASN A 118 17.22 -1.99 13.34
C ASN A 118 16.04 -2.44 12.50
N GLY A 119 16.34 -3.16 11.42
CA GLY A 119 15.30 -3.62 10.52
C GLY A 119 14.82 -2.62 9.52
N LYS A 120 15.49 -1.47 9.38
CA LYS A 120 15.09 -0.43 8.46
C LYS A 120 16.17 -0.23 7.39
N MET A 121 15.73 0.09 6.18
CA MET A 121 16.65 0.29 5.07
C MET A 121 17.53 1.50 5.30
N VAL A 122 18.84 1.33 5.11
CA VAL A 122 19.77 2.45 5.18
C VAL A 122 19.79 3.14 3.83
N GLU A 123 19.68 4.47 3.85
CA GLU A 123 19.58 5.26 2.63
C GLU A 123 20.50 6.46 2.71
N GLY A 124 20.67 7.12 1.57
CA GLY A 124 21.39 8.38 1.51
C GLY A 124 22.89 8.24 1.74
N ASP A 125 23.47 9.29 2.32
CA ASP A 125 24.91 9.32 2.55
C ASP A 125 25.34 8.26 3.56
N GLN A 126 24.44 7.85 4.46
CA GLN A 126 24.72 6.72 5.34
C GLN A 126 24.98 5.46 4.52
N LEU A 127 24.10 5.19 3.55
CA LEU A 127 24.29 4.06 2.65
C LEU A 127 25.56 4.24 1.81
N LYS A 128 25.86 5.48 1.43
CA LYS A 128 27.09 5.72 0.67
C LYS A 128 28.31 5.35 1.48
N THR A 129 28.31 5.69 2.77
CA THR A 129 29.42 5.35 3.65
C THR A 129 29.55 3.84 3.79
N MET A 130 28.42 3.16 4.01
CA MET A 130 28.49 1.71 4.19
C MET A 130 28.96 1.01 2.92
N ASP A 131 28.46 1.44 1.75
CA ASP A 131 28.87 0.82 0.50
C ASP A 131 30.33 1.13 0.18
N GLY A 132 30.80 2.34 0.50
CA GLY A 132 32.19 2.65 0.30
C GLY A 132 33.09 1.80 1.17
N LEU A 133 32.70 1.56 2.42
CA LEU A 133 33.47 0.69 3.29
C LEU A 133 33.48 -0.75 2.77
N LEU A 134 32.34 -1.21 2.24
CA LEU A 134 32.32 -2.55 1.66
C LEU A 134 33.21 -2.64 0.42
N GLU A 135 33.19 -1.62 -0.43
CA GLU A 135 34.07 -1.57 -1.58
C GLU A 135 35.53 -1.55 -1.14
N GLY A 136 35.82 -0.87 -0.03
CA GLY A 136 37.19 -0.87 0.49
C GLY A 136 37.61 -2.27 0.93
N TRP A 137 36.75 -2.95 1.69
CA TRP A 137 37.05 -4.32 2.07
C TRP A 137 37.24 -5.23 0.84
N LEU A 138 36.41 -5.04 -0.18
CA LEU A 138 36.56 -5.81 -1.41
C LEU A 138 37.91 -5.57 -2.05
N ALA A 139 38.28 -4.29 -2.20
CA ALA A 139 39.55 -3.95 -2.82
C ALA A 139 40.72 -4.51 -2.02
N LYS A 140 40.66 -4.42 -0.69
CA LYS A 140 41.72 -4.95 0.15
C LYS A 140 41.93 -6.44 -0.10
N ASN A 141 40.86 -7.17 -0.38
CA ASN A 141 40.93 -8.59 -0.68
C ASN A 141 40.96 -8.86 -2.19
N SER A 142 41.27 -7.84 -3.00
CA SER A 142 41.38 -7.98 -4.45
C SER A 142 40.10 -8.55 -5.04
N LEU A 143 38.98 -7.95 -4.66
CA LEU A 143 37.67 -8.40 -5.12
C LEU A 143 36.88 -7.22 -5.67
N ALA A 144 35.98 -7.53 -6.60
CA ALA A 144 35.10 -6.53 -7.19
C ALA A 144 33.75 -7.16 -7.47
N ILE A 145 32.76 -6.30 -7.64
CA ILE A 145 31.41 -6.73 -8.00
C ILE A 145 31.17 -6.30 -9.45
N SER A 146 31.17 -7.26 -10.36
CA SER A 146 30.94 -7.02 -11.77
C SER A 146 29.86 -7.95 -12.27
N GLY A 147 28.90 -7.41 -13.00
CA GLY A 147 27.81 -8.22 -13.53
C GLY A 147 27.00 -8.89 -12.45
N GLY A 148 26.89 -8.26 -11.28
CA GLY A 148 26.20 -8.87 -10.17
C GLY A 148 26.92 -10.06 -9.56
N ALA A 149 28.21 -10.21 -9.83
CA ALA A 149 28.97 -11.34 -9.33
C ALA A 149 30.27 -10.88 -8.69
N VAL A 150 30.79 -11.70 -7.78
CA VAL A 150 32.08 -11.43 -7.16
C VAL A 150 33.17 -11.96 -8.06
N VAL A 151 34.13 -11.10 -8.39
CA VAL A 151 35.24 -11.48 -9.25
C VAL A 151 36.55 -11.06 -8.61
N LYS A 152 37.61 -11.79 -8.93
CA LYS A 152 38.95 -11.44 -8.51
C LYS A 152 39.58 -10.54 -9.56
N ILE A 153 40.28 -9.51 -9.11
CA ILE A 153 40.90 -8.52 -9.99
C ILE A 153 42.40 -8.58 -9.81
N ASP A 154 43.13 -8.72 -10.91
CA ASP A 154 44.58 -8.63 -10.84
C ASP A 154 45.01 -7.17 -10.82
N ASN A 155 46.30 -6.96 -10.53
CA ASN A 155 46.84 -5.59 -10.44
C ASN A 155 46.51 -4.78 -11.68
N THR A 156 46.76 -5.34 -12.87
CA THR A 156 46.45 -4.65 -14.11
C THR A 156 44.95 -4.46 -14.33
N GLY A 157 44.12 -5.26 -13.66
CA GLY A 157 42.68 -5.19 -13.82
C GLY A 157 42.04 -6.40 -14.50
N ASN A 158 42.72 -7.53 -14.59
CA ASN A 158 42.15 -8.72 -15.21
C ASN A 158 41.09 -9.35 -14.30
N GLN A 159 39.95 -9.68 -14.88
CA GLN A 159 38.81 -10.23 -14.14
C GLN A 159 38.84 -11.76 -14.22
N THR A 160 38.96 -12.42 -13.07
CA THR A 160 38.91 -13.87 -12.99
C THR A 160 37.74 -14.29 -12.12
N LYS A 161 37.26 -15.51 -12.36
CA LYS A 161 36.17 -16.06 -11.56
C LYS A 161 36.65 -16.42 -10.15
N VAL A 162 35.73 -16.36 -9.19
CA VAL A 162 36.05 -16.59 -7.79
C VAL A 162 35.28 -17.81 -7.29
N ASP A 163 35.78 -18.40 -6.20
CA ASP A 163 35.14 -19.56 -5.60
C ASP A 163 34.12 -19.13 -4.56
N PRO A 164 32.84 -19.49 -4.71
CA PRO A 164 31.82 -19.02 -3.75
C PRO A 164 32.10 -19.37 -2.29
N GLN A 165 32.41 -20.64 -2.00
CA GLN A 165 32.61 -21.03 -0.60
C GLN A 165 33.82 -20.30 0.00
N GLU A 166 34.85 -20.06 -0.81
CA GLU A 166 36.01 -19.30 -0.35
C GLU A 166 35.60 -17.90 0.10
N ILE A 167 34.78 -17.22 -0.69
CA ILE A 167 34.33 -15.88 -0.34
C ILE A 167 33.37 -15.91 0.85
N ARG A 168 32.52 -16.93 0.91
CA ARG A 168 31.61 -17.07 2.05
C ARG A 168 32.39 -17.15 3.36
N GLN A 169 33.45 -17.97 3.38
CA GLN A 169 34.23 -18.09 4.60
C GLN A 169 35.12 -16.87 4.81
N LEU A 170 35.50 -16.18 3.74
CA LEU A 170 36.29 -14.95 3.89
C LEU A 170 35.46 -13.84 4.53
N ILE A 171 34.16 -13.79 4.22
CA ILE A 171 33.30 -12.75 4.79
C ILE A 171 33.21 -12.90 6.30
N ASN A 172 33.09 -14.13 6.79
CA ASN A 172 32.90 -14.40 8.20
C ASN A 172 34.20 -14.54 8.98
N ASP A 173 35.35 -14.34 8.34
CA ASP A 173 36.63 -14.52 9.02
C ASP A 173 36.83 -13.47 10.12
N SER A 174 37.41 -13.90 11.24
CA SER A 174 37.64 -12.98 12.35
C SER A 174 38.67 -11.92 11.99
N GLU A 175 39.71 -12.30 11.23
CA GLU A 175 40.78 -11.38 10.88
C GLU A 175 40.53 -10.65 9.56
N LYS A 176 40.10 -11.39 8.53
CA LYS A 176 39.97 -10.84 7.18
C LYS A 176 38.52 -10.61 6.78
N GLY A 177 37.61 -10.57 7.75
CA GLY A 177 36.19 -10.49 7.46
C GLY A 177 35.68 -9.08 7.34
N VAL A 178 34.43 -8.99 6.87
CA VAL A 178 33.78 -7.69 6.71
C VAL A 178 33.62 -6.99 8.04
N ALA A 179 33.09 -7.70 9.04
CA ALA A 179 32.85 -7.11 10.36
C ALA A 179 34.13 -6.54 10.96
N LYS A 180 35.24 -7.28 10.87
CA LYS A 180 36.52 -6.78 11.38
C LYS A 180 36.96 -5.53 10.63
N TYR A 181 36.84 -5.53 9.30
CA TYR A 181 37.22 -4.34 8.52
C TYR A 181 36.41 -3.13 8.96
N PHE A 182 35.09 -3.29 9.10
CA PHE A 182 34.26 -2.19 9.54
C PHE A 182 34.63 -1.72 10.94
N ALA A 183 34.86 -2.66 11.86
CA ALA A 183 35.21 -2.28 13.23
C ALA A 183 36.51 -1.49 13.27
N ASP A 184 37.54 -1.96 12.56
CA ASP A 184 38.79 -1.22 12.47
C ASP A 184 38.62 0.13 11.80
N LYS A 185 37.57 0.30 11.00
CA LYS A 185 37.24 1.58 10.40
C LYS A 185 36.30 2.38 11.27
N GLY A 186 36.10 1.97 12.52
CA GLY A 186 35.27 2.71 13.46
C GLY A 186 33.79 2.42 13.42
N VAL A 187 33.35 1.36 12.73
CA VAL A 187 31.93 1.07 12.57
C VAL A 187 31.61 -0.26 13.25
N GLY A 188 30.74 -0.22 14.26
CA GLY A 188 30.20 -1.43 14.84
C GLY A 188 29.04 -1.93 14.00
N MET A 189 29.07 -3.22 13.66
CA MET A 189 28.07 -3.77 12.76
C MET A 189 28.02 -5.28 12.94
N GLU A 190 26.96 -5.88 12.39
CA GLU A 190 26.75 -7.31 12.38
C GLU A 190 26.63 -7.81 10.95
N VAL A 191 27.30 -8.92 10.65
CA VAL A 191 27.25 -9.53 9.33
C VAL A 191 26.46 -10.82 9.44
N ALA A 192 25.37 -10.91 8.69
CA ALA A 192 24.52 -12.10 8.66
C ALA A 192 24.46 -12.60 7.23
N GLN A 193 25.14 -13.72 6.97
CA GLN A 193 25.11 -14.31 5.64
C GLN A 193 23.85 -15.14 5.47
N ARG A 194 23.21 -15.01 4.31
CA ARG A 194 22.00 -15.73 4.00
C ARG A 194 22.18 -16.49 2.68
N THR A 195 21.31 -17.47 2.47
CA THR A 195 21.37 -18.26 1.24
C THR A 195 20.96 -17.44 0.03
N TYR A 196 21.78 -17.51 -1.01
CA TYR A 196 21.44 -16.88 -2.29
C TYR A 196 20.20 -17.51 -2.89
N GLN A 197 19.28 -16.66 -3.35
CA GLN A 197 18.03 -17.09 -3.95
C GLN A 197 17.98 -16.56 -5.38
N GLU A 198 18.07 -17.46 -6.35
CA GLU A 198 17.94 -17.05 -7.74
C GLU A 198 16.50 -16.64 -8.04
N PRO A 199 16.31 -15.75 -9.01
CA PRO A 199 14.94 -15.28 -9.34
C PRO A 199 13.91 -16.38 -9.49
N LYS A 200 14.28 -17.48 -10.15
CA LYS A 200 13.32 -18.56 -10.41
C LYS A 200 12.83 -19.19 -9.11
N ALA A 201 13.67 -19.24 -8.08
CA ALA A 201 13.25 -19.81 -6.81
C ALA A 201 12.16 -18.94 -6.16
N LEU A 202 12.36 -17.63 -6.16
CA LEU A 202 11.34 -16.73 -5.61
C LEU A 202 10.06 -16.80 -6.44
N GLU A 203 10.21 -16.95 -7.76
CA GLU A 203 9.02 -17.08 -8.61
C GLU A 203 8.26 -18.36 -8.28
N THR A 204 8.98 -19.45 -8.01
CA THR A 204 8.33 -20.69 -7.63
C THR A 204 7.60 -20.57 -6.29
N LYS A 205 8.23 -19.92 -5.31
CA LYS A 205 7.56 -19.72 -4.03
C LYS A 205 6.28 -18.91 -4.20
N ARG A 206 6.37 -17.81 -4.94
CA ARG A 206 5.20 -16.97 -5.18
C ARG A 206 4.11 -17.74 -5.92
N GLU A 207 4.50 -18.56 -6.91
CA GLU A 207 3.53 -19.34 -7.65
C GLU A 207 2.84 -20.36 -6.76
N GLU A 208 3.58 -20.98 -5.83
CA GLU A 208 2.94 -21.89 -4.88
C GLU A 208 1.86 -21.17 -4.09
N ILE A 209 2.20 -19.99 -3.54
CA ILE A 209 1.23 -19.26 -2.73
C ILE A 209 0.02 -18.85 -3.57
N ARG A 210 0.28 -18.33 -4.77
CA ARG A 210 -0.81 -17.86 -5.63
C ARG A 210 -1.73 -19.00 -6.04
N GLN A 211 -1.16 -20.16 -6.38
CA GLN A 211 -2.00 -21.30 -6.75
C GLN A 211 -2.83 -21.78 -5.57
N GLU A 212 -2.26 -21.75 -4.36
CA GLU A 212 -3.06 -22.11 -3.19
C GLU A 212 -4.20 -21.12 -2.98
N ILE A 213 -3.95 -19.83 -3.25
CA ILE A 213 -5.01 -18.83 -3.12
C ILE A 213 -6.10 -19.06 -4.15
N GLU A 214 -5.73 -19.34 -5.40
CA GLU A 214 -6.70 -19.56 -6.46
C GLU A 214 -7.37 -20.94 -6.41
N SER A 215 -6.98 -21.79 -5.45
CA SER A 215 -7.55 -23.13 -5.37
C SER A 215 -8.93 -23.10 -4.72
N SER B 1 18.90 -19.60 -24.01
CA SER B 1 18.91 -18.28 -23.40
C SER B 1 18.48 -18.35 -21.93
N ASN B 2 19.13 -19.24 -21.17
N ASN B 2 19.13 -19.24 -21.17
CA ASN B 2 18.78 -19.38 -19.76
CA ASN B 2 18.80 -19.39 -19.77
C ASN B 2 19.33 -18.22 -18.93
C ASN B 2 19.32 -18.23 -18.94
N ALA B 3 20.56 -17.79 -19.20
CA ALA B 3 21.07 -16.60 -18.53
C ALA B 3 20.24 -15.38 -18.89
N THR B 4 19.80 -15.31 -20.15
CA THR B 4 18.95 -14.20 -20.58
C THR B 4 17.60 -14.26 -19.87
N ARG B 5 17.03 -15.45 -19.71
CA ARG B 5 15.75 -15.57 -19.02
C ARG B 5 15.90 -15.16 -17.55
N ASP B 6 17.01 -15.56 -16.90
CA ASP B 6 17.22 -15.15 -15.52
C ASP B 6 17.38 -13.65 -15.42
N ALA B 7 18.07 -13.04 -16.38
CA ALA B 7 18.25 -11.59 -16.37
C ALA B 7 16.91 -10.87 -16.55
N LEU B 8 16.08 -11.34 -17.49
CA LEU B 8 14.78 -10.72 -17.71
C LEU B 8 13.89 -10.87 -16.48
N LEU B 9 13.92 -12.05 -15.84
CA LEU B 9 13.10 -12.26 -14.65
C LEU B 9 13.55 -11.36 -13.51
N LYS B 10 14.87 -11.21 -13.34
CA LYS B 10 15.38 -10.31 -12.33
C LYS B 10 15.02 -8.86 -12.65
N ALA B 11 15.02 -8.50 -13.93
CA ALA B 11 14.64 -7.15 -14.33
C ALA B 11 13.18 -6.88 -13.98
N MET B 12 12.31 -7.86 -14.23
CA MET B 12 10.90 -7.70 -13.86
C MET B 12 10.76 -7.56 -12.34
N GLN B 13 11.47 -8.41 -11.59
CA GLN B 13 11.35 -8.36 -10.13
C GLN B 13 11.87 -7.05 -9.56
N VAL B 14 12.99 -6.55 -10.08
CA VAL B 14 13.54 -5.28 -9.62
C VAL B 14 12.60 -4.14 -9.99
N GLY B 15 12.03 -4.18 -11.19
CA GLY B 15 11.10 -3.12 -11.59
C GLY B 15 9.88 -3.04 -10.69
N GLU B 16 9.52 -4.14 -10.04
CA GLU B 16 8.41 -4.15 -9.10
C GLU B 16 8.79 -3.59 -7.72
N THR B 17 10.07 -3.28 -7.49
CA THR B 17 10.50 -2.86 -6.16
C THR B 17 10.11 -1.42 -5.86
N SER B 18 10.27 -0.52 -6.84
CA SER B 18 10.03 0.90 -6.61
C SER B 18 9.43 1.51 -7.87
N ILE B 19 8.97 2.76 -7.73
CA ILE B 19 8.38 3.47 -8.86
C ILE B 19 9.43 3.82 -9.89
N GLU B 20 10.62 4.26 -9.43
CA GLU B 20 11.71 4.56 -10.36
C GLU B 20 12.17 3.31 -11.09
N ALA B 21 12.33 2.20 -10.36
CA ALA B 21 12.70 0.94 -11.01
C ALA B 21 11.63 0.52 -12.00
N ALA B 22 10.36 0.79 -11.71
CA ALA B 22 9.30 0.50 -12.67
C ALA B 22 9.42 1.38 -13.90
N GLU B 23 9.82 2.64 -13.72
CA GLU B 23 10.01 3.53 -14.87
C GLU B 23 11.16 3.05 -15.75
N TYR B 24 12.15 2.38 -15.18
CA TYR B 24 13.31 1.94 -15.95
C TYR B 24 13.24 0.46 -16.37
N MET B 25 12.22 -0.26 -15.91
CA MET B 25 12.07 -1.68 -16.21
C MET B 25 12.07 -1.95 -17.72
N ALA B 26 11.28 -1.17 -18.48
CA ALA B 26 11.19 -1.41 -19.92
C ALA B 26 12.51 -1.16 -20.62
N THR B 27 13.25 -0.13 -20.18
CA THR B 27 14.58 0.13 -20.74
C THR B 27 15.52 -1.04 -20.45
N ARG B 28 15.46 -1.58 -19.23
CA ARG B 28 16.34 -2.70 -18.89
C ARG B 28 15.99 -3.94 -19.70
N PHE B 29 14.69 -4.22 -19.85
CA PHE B 29 14.24 -5.32 -20.68
C PHE B 29 14.73 -5.16 -22.12
N GLU B 30 14.64 -3.93 -22.65
CA GLU B 30 15.10 -3.68 -24.02
C GLU B 30 16.60 -3.90 -24.13
N GLN B 31 17.37 -3.46 -23.13
CA GLN B 31 18.82 -3.68 -23.18
C GLN B 31 19.16 -5.16 -23.17
N ILE B 32 18.48 -5.94 -22.33
CA ILE B 32 18.75 -7.38 -22.26
C ILE B 32 18.36 -8.05 -23.57
N LEU B 33 17.21 -7.69 -24.14
CA LEU B 33 16.77 -8.31 -25.38
C LEU B 33 17.69 -7.96 -26.54
N THR B 34 18.09 -6.68 -26.64
CA THR B 34 18.96 -6.27 -27.75
C THR B 34 20.34 -6.91 -27.63
N LYS B 35 20.90 -6.98 -26.41
CA LYS B 35 22.21 -7.62 -26.27
C LYS B 35 22.16 -9.10 -26.63
N ALA B 36 20.98 -9.72 -26.58
CA ALA B 36 20.82 -11.11 -26.97
C ALA B 36 20.27 -11.26 -28.37
N LYS B 37 20.09 -10.15 -29.10
CA LYS B 37 19.55 -10.16 -30.46
C LYS B 37 18.21 -10.89 -30.51
N LEU B 38 17.39 -10.67 -29.49
CA LEU B 38 16.07 -11.31 -29.39
C LEU B 38 14.96 -10.42 -29.93
N LEU B 39 15.29 -9.29 -30.53
CA LEU B 39 14.35 -8.40 -31.18
C LEU B 39 14.52 -8.46 -32.69
N PRO B 40 13.43 -8.34 -33.48
CA PRO B 40 12.09 -7.91 -33.05
C PRO B 40 11.14 -9.04 -32.68
N GLU B 41 11.68 -10.26 -32.51
CA GLU B 41 10.85 -11.42 -32.22
C GLU B 41 10.15 -11.28 -30.88
N CYS B 42 10.81 -10.63 -29.92
CA CYS B 42 10.25 -10.45 -28.58
C CYS B 42 9.70 -9.05 -28.36
N ASN B 43 9.18 -8.40 -29.41
CA ASN B 43 8.63 -7.06 -29.25
C ASN B 43 7.38 -7.08 -28.36
N ASP B 44 6.56 -8.13 -28.49
CA ASP B 44 5.33 -8.20 -27.71
C ASP B 44 5.63 -8.22 -26.22
N MET B 45 6.69 -8.93 -25.83
CA MET B 45 7.11 -8.93 -24.44
C MET B 45 7.47 -7.52 -23.98
N LEU B 46 8.16 -6.75 -24.82
CA LEU B 46 8.51 -5.38 -24.44
C LEU B 46 7.27 -4.50 -24.28
N GLU B 47 6.30 -4.64 -25.19
CA GLU B 47 5.07 -3.87 -25.06
C GLU B 47 4.33 -4.21 -23.77
N LYS B 48 4.23 -5.51 -23.47
CA LYS B 48 3.60 -5.95 -22.23
C LYS B 48 4.37 -5.44 -21.02
N ILE B 49 5.69 -5.35 -21.13
CA ILE B 49 6.48 -4.85 -20.00
C ILE B 49 6.22 -3.37 -19.77
N LYS B 50 6.08 -2.59 -20.85
CA LYS B 50 5.79 -1.16 -20.68
C LYS B 50 4.43 -0.97 -20.00
N GLU B 51 3.41 -1.72 -20.46
CA GLU B 51 2.09 -1.57 -19.86
C GLU B 51 2.09 -2.06 -18.41
N TYR B 52 2.76 -3.20 -18.16
CA TYR B 52 2.91 -3.70 -16.81
C TYR B 52 3.62 -2.69 -15.91
N ALA B 53 4.61 -1.99 -16.47
CA ALA B 53 5.32 -0.98 -15.68
C ALA B 53 4.38 0.12 -15.23
N GLN B 54 3.49 0.57 -16.12
CA GLN B 54 2.53 1.58 -15.70
C GLN B 54 1.59 1.04 -14.61
N PHE B 55 1.15 -0.20 -14.77
CA PHE B 55 0.26 -0.80 -13.78
C PHE B 55 0.95 -0.89 -12.42
N VAL B 56 2.21 -1.33 -12.43
CA VAL B 56 2.98 -1.47 -11.20
C VAL B 56 3.23 -0.11 -10.57
N LYS B 57 3.47 0.92 -11.38
CA LYS B 57 3.67 2.26 -10.82
C LYS B 57 2.45 2.69 -10.02
N PHE B 58 1.26 2.54 -10.61
CA PHE B 58 0.08 2.97 -9.86
C PHE B 58 -0.16 2.08 -8.64
N LYS B 59 0.11 0.77 -8.76
CA LYS B 59 -0.04 -0.11 -7.62
C LYS B 59 0.88 0.31 -6.47
N LEU B 60 2.15 0.58 -6.78
CA LEU B 60 3.10 0.94 -5.74
C LEU B 60 2.73 2.26 -5.09
N LEU B 61 2.31 3.24 -5.89
CA LEU B 61 1.94 4.53 -5.32
C LEU B 61 0.72 4.40 -4.41
N SER B 62 -0.32 3.71 -4.88
CA SER B 62 -1.53 3.57 -4.06
C SER B 62 -1.26 2.75 -2.79
N SER B 63 -0.54 1.64 -2.91
CA SER B 63 -0.27 0.78 -1.75
C SER B 63 0.57 1.49 -0.70
N ALA B 64 1.66 2.14 -1.13
CA ALA B 64 2.55 2.76 -0.17
C ALA B 64 1.85 3.86 0.63
N GLN B 65 0.96 4.60 -0.02
CA GLN B 65 0.22 5.67 0.64
C GLN B 65 -1.00 5.05 1.31
N VAL B 66 -0.87 4.74 2.60
CA VAL B 66 -1.94 4.09 3.35
C VAL B 66 -3.01 5.11 3.72
N TRP B 67 -4.26 4.76 3.44
CA TRP B 67 -5.39 5.62 3.80
C TRP B 67 -5.71 5.43 5.28
N SER B 68 -5.78 6.55 6.01
CA SER B 68 -6.10 6.51 7.44
C SER B 68 -7.39 7.26 7.78
N GLY B 69 -8.32 7.37 6.83
CA GLY B 69 -9.54 8.10 7.07
C GLY B 69 -10.54 7.34 7.93
N GLN B 70 -11.48 8.11 8.49
CA GLN B 70 -12.56 7.57 9.30
C GLN B 70 -13.38 6.58 8.49
N GLU B 71 -13.35 5.30 8.89
CA GLU B 71 -14.10 4.27 8.19
C GLU B 71 -15.57 4.33 8.57
N ARG B 72 -15.88 3.97 9.82
CA ARG B 72 -17.23 3.99 10.38
C ARG B 72 -17.57 5.26 11.16
N PRO B 73 -16.62 5.98 11.77
CA PRO B 73 -16.98 7.22 12.49
C PRO B 73 -17.85 8.15 11.66
N THR B 74 -18.91 8.66 12.30
CA THR B 74 -19.84 9.56 11.65
C THR B 74 -20.45 10.54 12.67
N SER B 75 -21.75 10.81 12.54
CA SER B 75 -22.44 11.80 13.35
C SER B 75 -21.73 13.14 13.26
N ASP B 76 -20.59 13.27 13.93
CA ASP B 76 -19.71 14.42 13.75
C ASP B 76 -18.67 14.15 12.66
N TYR B 77 -19.14 13.82 11.46
CA TYR B 77 -18.24 13.47 10.37
C TYR B 77 -17.97 14.66 9.44
N GLN B 78 -19.02 15.21 8.83
CA GLN B 78 -18.85 16.25 7.83
C GLN B 78 -18.12 17.46 8.39
N ASN B 79 -18.61 17.99 9.51
CA ASN B 79 -18.03 19.22 10.06
C ASN B 79 -16.62 19.00 10.56
N THR B 80 -16.36 17.83 11.18
CA THR B 80 -15.01 17.53 11.65
C THR B 80 -14.01 17.53 10.50
N GLN B 81 -14.33 16.81 9.42
CA GLN B 81 -13.44 16.75 8.27
C GLN B 81 -13.26 18.11 7.63
N GLU B 82 -14.35 18.86 7.47
CA GLU B 82 -14.25 20.17 6.82
C GLU B 82 -13.45 21.15 7.67
N ASN B 83 -13.52 21.04 9.00
CA ASN B 83 -12.71 21.91 9.85
C ASN B 83 -11.24 21.52 9.81
N LYS B 84 -10.94 20.21 9.89
CA LYS B 84 -9.57 19.75 9.70
C LYS B 84 -9.03 20.17 8.34
N ALA B 85 -9.90 20.37 7.35
CA ALA B 85 -9.43 20.77 6.04
C ALA B 85 -9.25 22.27 5.94
N GLU B 86 -10.11 23.05 6.60
CA GLU B 86 -9.84 24.48 6.72
C GLU B 86 -8.53 24.72 7.48
N PHE B 87 -8.12 23.75 8.31
CA PHE B 87 -6.82 23.83 8.98
C PHE B 87 -5.70 23.49 8.01
N LEU B 88 -5.79 22.32 7.38
CA LEU B 88 -4.82 21.92 6.35
C LEU B 88 -4.63 22.98 5.28
N ALA B 89 -5.63 23.84 5.07
CA ALA B 89 -5.52 24.88 4.06
C ALA B 89 -4.99 26.18 4.64
N SER B 90 -4.92 26.29 5.95
CA SER B 90 -4.14 27.35 6.57
C SER B 90 -2.67 26.98 6.68
N HIS B 91 -2.36 25.68 6.64
CA HIS B 91 -0.97 25.27 6.67
C HIS B 91 -0.52 24.58 5.38
N LEU B 92 -0.67 25.27 4.25
CA LEU B 92 -0.29 24.75 2.95
C LEU B 92 1.16 25.00 2.61
N GLU B 93 1.97 25.44 3.58
CA GLU B 93 3.37 25.72 3.32
C GLU B 93 4.12 24.42 2.98
N GLY B 94 5.14 24.56 2.14
CA GLY B 94 5.96 23.42 1.77
C GLY B 94 5.29 22.36 0.92
N LEU B 95 4.40 22.77 0.01
CA LEU B 95 3.78 21.80 -0.87
C LEU B 95 4.49 21.83 -2.21
N PRO B 96 4.87 20.67 -2.76
CA PRO B 96 5.61 20.66 -4.02
C PRO B 96 4.72 21.08 -5.19
N SER B 97 5.37 21.25 -6.34
CA SER B 97 4.69 21.59 -7.57
C SER B 97 4.22 20.32 -8.30
N GLY B 98 3.56 20.52 -9.44
CA GLY B 98 3.09 19.42 -10.26
C GLY B 98 2.29 18.37 -9.53
N LEU B 99 1.35 18.81 -8.69
CA LEU B 99 0.56 17.88 -7.90
C LEU B 99 -0.46 17.18 -8.78
N LYS B 100 -0.56 15.86 -8.61
CA LYS B 100 -1.46 15.03 -9.38
C LYS B 100 -2.12 14.02 -8.46
N LEU B 101 -3.43 13.82 -8.65
CA LEU B 101 -4.17 12.78 -7.98
C LEU B 101 -4.63 11.77 -9.02
N GLU B 102 -4.21 10.52 -8.87
CA GLU B 102 -4.65 9.43 -9.71
C GLU B 102 -5.65 8.61 -8.92
N VAL B 103 -6.87 8.48 -9.44
CA VAL B 103 -7.95 7.81 -8.72
C VAL B 103 -8.65 6.85 -9.66
N ALA B 104 -8.90 5.64 -9.18
CA ALA B 104 -9.61 4.61 -9.94
C ALA B 104 -10.78 4.13 -9.11
N ILE B 105 -11.95 4.06 -9.73
CA ILE B 105 -13.17 3.56 -9.12
C ILE B 105 -13.61 2.34 -9.91
N GLY B 106 -13.68 1.18 -9.25
CA GLY B 106 -14.09 -0.03 -9.91
C GLY B 106 -15.59 -0.17 -10.02
N ASP B 107 -16.01 -1.13 -10.86
CA ASP B 107 -17.44 -1.39 -11.02
C ASP B 107 -18.07 -1.93 -9.75
N ASP B 108 -17.25 -2.44 -8.82
CA ASP B 108 -17.72 -2.90 -7.52
C ASP B 108 -17.54 -1.85 -6.44
N ALA B 109 -17.25 -0.60 -6.82
CA ALA B 109 -17.07 0.58 -5.97
C ALA B 109 -15.72 0.61 -5.28
N LYS B 110 -14.83 -0.33 -5.58
CA LYS B 110 -13.48 -0.29 -5.01
C LYS B 110 -12.77 0.96 -5.49
N ILE B 111 -12.02 1.59 -4.59
CA ILE B 111 -11.36 2.87 -4.87
C ILE B 111 -9.87 2.73 -4.58
N LEU B 112 -9.05 3.28 -5.49
CA LEU B 112 -7.61 3.37 -5.28
C LEU B 112 -7.16 4.79 -5.61
N ARG B 113 -6.28 5.34 -4.78
CA ARG B 113 -5.81 6.70 -4.96
C ARG B 113 -4.30 6.76 -4.79
N GLY B 114 -3.68 7.67 -5.54
CA GLY B 114 -2.26 7.94 -5.43
C GLY B 114 -1.94 9.41 -5.68
N PHE B 115 -1.23 10.03 -4.74
CA PHE B 115 -0.81 11.43 -4.86
C PHE B 115 0.64 11.48 -5.32
N SER B 116 0.90 12.25 -6.37
CA SER B 116 2.23 12.33 -6.96
C SER B 116 2.60 13.78 -7.21
N SER B 117 3.91 14.05 -7.20
CA SER B 117 4.45 15.37 -7.50
C SER B 117 5.53 15.24 -8.57
N ASN B 118 5.23 15.73 -9.78
CA ASN B 118 6.16 15.66 -10.92
C ASN B 118 6.64 14.23 -11.13
N GLY B 119 5.73 13.27 -10.96
CA GLY B 119 6.04 11.87 -11.13
C GLY B 119 6.67 11.20 -9.92
N LYS B 120 6.72 11.86 -8.77
CA LYS B 120 7.33 11.30 -7.58
C LYS B 120 6.28 11.16 -6.48
N MET B 121 6.46 10.11 -5.67
CA MET B 121 5.51 9.83 -4.60
C MET B 121 5.53 10.93 -3.55
N VAL B 122 4.34 11.40 -3.18
CA VAL B 122 4.19 12.36 -2.08
C VAL B 122 4.16 11.60 -0.76
N GLU B 123 4.94 12.06 0.20
CA GLU B 123 5.09 11.38 1.48
C GLU B 123 5.00 12.39 2.63
N GLY B 124 4.90 11.85 3.85
CA GLY B 124 4.96 12.68 5.04
C GLY B 124 3.75 13.58 5.26
N ASP B 125 4.01 14.74 5.86
CA ASP B 125 2.95 15.69 6.16
C ASP B 125 2.31 16.25 4.90
N GLN B 126 3.07 16.30 3.79
CA GLN B 126 2.48 16.66 2.52
C GLN B 126 1.39 15.67 2.12
N LEU B 127 1.67 14.37 2.28
CA LEU B 127 0.66 13.36 2.03
C LEU B 127 -0.50 13.49 3.02
N LYS B 128 -0.19 13.86 4.26
CA LYS B 128 -1.25 14.04 5.25
C LYS B 128 -2.19 15.16 4.83
N THR B 129 -1.62 16.27 4.34
CA THR B 129 -2.44 17.39 3.90
C THR B 129 -3.30 17.01 2.71
N MET B 130 -2.71 16.33 1.72
CA MET B 130 -3.49 15.97 0.53
C MET B 130 -4.59 14.98 0.87
N ASP B 131 -4.30 13.99 1.73
CA ASP B 131 -5.31 13.01 2.11
C ASP B 131 -6.40 13.65 2.96
N GLY B 132 -6.04 14.61 3.82
CA GLY B 132 -7.05 15.32 4.57
C GLY B 132 -7.97 16.15 3.69
N LEU B 133 -7.40 16.80 2.66
CA LEU B 133 -8.24 17.54 1.73
C LEU B 133 -9.17 16.60 0.97
N LEU B 134 -8.67 15.42 0.60
CA LEU B 134 -9.55 14.44 -0.03
C LEU B 134 -10.64 13.97 0.92
N GLU B 135 -10.29 13.79 2.20
CA GLU B 135 -11.29 13.47 3.21
C GLU B 135 -12.35 14.55 3.30
N GLY B 136 -11.93 15.81 3.17
CA GLY B 136 -12.87 16.91 3.19
C GLY B 136 -13.82 16.88 2.02
N TRP B 137 -13.28 16.69 0.81
CA TRP B 137 -14.14 16.55 -0.37
C TRP B 137 -15.10 15.38 -0.22
N LEU B 138 -14.62 14.25 0.29
CA LEU B 138 -15.49 13.09 0.50
C LEU B 138 -16.62 13.42 1.47
N ALA B 139 -16.28 14.03 2.61
CA ALA B 139 -17.29 14.37 3.61
C ALA B 139 -18.31 15.35 3.06
N LYS B 140 -17.85 16.38 2.35
CA LYS B 140 -18.77 17.36 1.79
C LYS B 140 -19.80 16.71 0.87
N ASN B 141 -19.40 15.67 0.13
CA ASN B 141 -20.32 14.93 -0.72
C ASN B 141 -20.90 13.69 -0.03
N SER B 142 -20.80 13.62 1.30
CA SER B 142 -21.35 12.52 2.08
C SER B 142 -20.79 11.18 1.62
N LEU B 143 -19.47 11.10 1.50
CA LEU B 143 -18.80 9.91 1.04
C LEU B 143 -17.70 9.52 2.02
N ALA B 144 -17.42 8.23 2.06
CA ALA B 144 -16.36 7.69 2.92
C ALA B 144 -15.72 6.51 2.23
N ILE B 145 -14.52 6.16 2.69
CA ILE B 145 -13.80 5.00 2.18
C ILE B 145 -13.83 3.94 3.28
N SER B 146 -14.61 2.90 3.05
CA SER B 146 -14.72 1.78 3.99
C SER B 146 -14.51 0.49 3.22
N GLY B 147 -13.67 -0.39 3.77
CA GLY B 147 -13.41 -1.66 3.12
C GLY B 147 -12.79 -1.51 1.74
N GLY B 148 -12.01 -0.45 1.53
CA GLY B 148 -11.44 -0.19 0.23
C GLY B 148 -12.46 0.22 -0.82
N ALA B 149 -13.65 0.65 -0.39
CA ALA B 149 -14.72 1.01 -1.31
C ALA B 149 -15.30 2.35 -0.93
N VAL B 150 -15.90 3.02 -1.92
CA VAL B 150 -16.60 4.28 -1.68
C VAL B 150 -18.01 3.96 -1.22
N VAL B 151 -18.41 4.55 -0.10
CA VAL B 151 -19.74 4.35 0.46
C VAL B 151 -20.37 5.69 0.76
N LYS B 152 -21.70 5.75 0.69
CA LYS B 152 -22.43 6.93 1.11
C LYS B 152 -22.81 6.80 2.58
N ILE B 153 -22.62 7.89 3.34
CA ILE B 153 -22.90 7.89 4.77
C ILE B 153 -23.96 8.94 5.06
N ASP B 154 -25.03 8.53 5.73
CA ASP B 154 -26.04 9.46 6.21
C ASP B 154 -25.61 10.09 7.53
N ASN B 155 -26.38 11.09 7.98
CA ASN B 155 -26.08 11.79 9.22
C ASN B 155 -25.89 10.81 10.39
N THR B 156 -26.80 9.86 10.54
CA THR B 156 -26.69 8.89 11.63
C THR B 156 -25.47 7.99 11.48
N GLY B 157 -24.95 7.81 10.27
CA GLY B 157 -23.80 6.98 10.02
C GLY B 157 -24.03 5.69 9.28
N ASN B 158 -25.18 5.51 8.63
CA ASN B 158 -25.44 4.30 7.87
C ASN B 158 -24.65 4.32 6.56
N GLN B 159 -23.96 3.23 6.26
CA GLN B 159 -23.16 3.11 5.05
C GLN B 159 -23.98 2.39 4.00
N THR B 160 -24.21 3.05 2.88
CA THR B 160 -24.92 2.47 1.75
C THR B 160 -23.99 2.38 0.54
N LYS B 161 -24.33 1.47 -0.36
CA LYS B 161 -23.55 1.29 -1.57
C LYS B 161 -23.74 2.49 -2.50
N VAL B 162 -22.71 2.77 -3.29
CA VAL B 162 -22.70 3.92 -4.18
C VAL B 162 -22.57 3.41 -5.61
N ASP B 163 -22.99 4.25 -6.55
CA ASP B 163 -22.91 3.90 -7.97
C ASP B 163 -21.56 4.34 -8.52
N PRO B 164 -20.75 3.43 -9.06
CA PRO B 164 -19.41 3.82 -9.53
C PRO B 164 -19.41 4.95 -10.55
N GLN B 165 -20.25 4.87 -11.59
CA GLN B 165 -20.21 5.88 -12.64
C GLN B 165 -20.60 7.26 -12.11
N GLU B 166 -21.53 7.31 -11.15
CA GLU B 166 -21.89 8.58 -10.52
C GLU B 166 -20.68 9.22 -9.85
N ILE B 167 -19.93 8.43 -9.08
CA ILE B 167 -18.75 8.97 -8.40
C ILE B 167 -17.66 9.33 -9.40
N ARG B 168 -17.50 8.52 -10.45
CA ARG B 168 -16.52 8.84 -11.48
C ARG B 168 -16.80 10.21 -12.08
N GLN B 169 -18.06 10.48 -12.43
CA GLN B 169 -18.40 11.78 -13.01
C GLN B 169 -18.41 12.88 -11.96
N LEU B 170 -18.66 12.54 -10.70
CA LEU B 170 -18.61 13.52 -9.61
C LEU B 170 -17.19 14.00 -9.38
N ILE B 171 -16.20 13.12 -9.54
CA ILE B 171 -14.81 13.51 -9.34
C ILE B 171 -14.40 14.56 -10.36
N ASN B 172 -14.83 14.39 -11.61
CA ASN B 172 -14.46 15.28 -12.70
C ASN B 172 -15.38 16.48 -12.85
N ASP B 173 -16.36 16.64 -11.97
CA ASP B 173 -17.31 17.75 -12.10
C ASP B 173 -16.61 19.09 -11.90
N SER B 174 -17.00 20.08 -12.71
CA SER B 174 -16.37 21.39 -12.62
C SER B 174 -16.72 22.09 -11.31
N GLU B 175 -17.95 21.92 -10.83
CA GLU B 175 -18.38 22.61 -9.62
C GLU B 175 -18.11 21.79 -8.35
N LYS B 176 -18.48 20.50 -8.34
CA LYS B 176 -18.38 19.69 -7.14
C LYS B 176 -17.24 18.68 -7.20
N GLY B 177 -16.27 18.89 -8.08
CA GLY B 177 -15.21 17.92 -8.28
C GLY B 177 -14.04 18.10 -7.33
N VAL B 178 -13.15 17.11 -7.37
CA VAL B 178 -11.97 17.12 -6.49
C VAL B 178 -11.08 18.32 -6.80
N ALA B 179 -10.77 18.53 -8.09
CA ALA B 179 -9.89 19.63 -8.48
C ALA B 179 -10.42 20.97 -7.99
N LYS B 180 -11.71 21.22 -8.19
CA LYS B 180 -12.31 22.47 -7.72
C LYS B 180 -12.20 22.61 -6.21
N TYR B 181 -12.49 21.53 -5.48
CA TYR B 181 -12.40 21.57 -4.02
C TYR B 181 -10.99 21.94 -3.58
N PHE B 182 -9.99 21.30 -4.18
CA PHE B 182 -8.60 21.59 -3.84
C PHE B 182 -8.23 23.03 -4.18
N ALA B 183 -8.63 23.50 -5.36
CA ALA B 183 -8.29 24.87 -5.77
C ALA B 183 -8.91 25.88 -4.82
N ASP B 184 -10.19 25.71 -4.50
CA ASP B 184 -10.85 26.60 -3.54
C ASP B 184 -10.21 26.52 -2.17
N LYS B 185 -9.49 25.43 -1.88
CA LYS B 185 -8.75 25.31 -0.64
C LYS B 185 -7.32 25.81 -0.78
N GLY B 186 -7.02 26.49 -1.88
CA GLY B 186 -5.71 27.06 -2.11
C GLY B 186 -4.67 26.14 -2.72
N VAL B 187 -5.07 24.97 -3.23
CA VAL B 187 -4.12 24.00 -3.78
C VAL B 187 -4.39 23.81 -5.27
N GLY B 188 -3.40 24.16 -6.10
CA GLY B 188 -3.46 23.84 -7.51
C GLY B 188 -3.02 22.40 -7.76
N MET B 189 -3.82 21.66 -8.51
CA MET B 189 -3.55 20.24 -8.68
C MET B 189 -4.30 19.72 -9.90
N GLU B 190 -3.90 18.53 -10.35
CA GLU B 190 -4.48 17.86 -11.50
C GLU B 190 -5.07 16.52 -11.08
N VAL B 191 -6.28 16.23 -11.57
CA VAL B 191 -6.96 14.98 -11.30
C VAL B 191 -6.95 14.17 -12.58
N ALA B 192 -6.36 12.99 -12.52
CA ALA B 192 -6.29 12.06 -13.66
C ALA B 192 -6.94 10.76 -13.24
N GLN B 193 -8.14 10.50 -13.76
CA GLN B 193 -8.84 9.26 -13.44
C GLN B 193 -8.32 8.12 -14.33
N ARG B 194 -8.10 6.97 -13.72
CA ARG B 194 -7.60 5.80 -14.42
C ARG B 194 -8.54 4.62 -14.18
N THR B 195 -8.44 3.62 -15.04
CA THR B 195 -9.25 2.42 -14.92
C THR B 195 -8.83 1.59 -13.71
N TYR B 196 -9.82 1.19 -12.91
CA TYR B 196 -9.57 0.28 -11.80
C TYR B 196 -9.07 -1.07 -12.29
N GLN B 197 -8.03 -1.58 -11.63
CA GLN B 197 -7.39 -2.85 -11.97
C GLN B 197 -7.52 -3.79 -10.78
N GLU B 198 -8.31 -4.84 -10.94
CA GLU B 198 -8.42 -5.84 -9.88
C GLU B 198 -7.12 -6.64 -9.76
N PRO B 199 -6.81 -7.13 -8.56
CA PRO B 199 -5.57 -7.91 -8.38
C PRO B 199 -5.37 -9.01 -9.41
N LYS B 200 -6.43 -9.74 -9.75
CA LYS B 200 -6.30 -10.84 -10.69
C LYS B 200 -5.88 -10.36 -12.07
N ALA B 201 -6.30 -9.15 -12.47
CA ALA B 201 -5.89 -8.63 -13.77
C ALA B 201 -4.38 -8.39 -13.81
N LEU B 202 -3.84 -7.79 -12.76
CA LEU B 202 -2.40 -7.58 -12.69
C LEU B 202 -1.66 -8.91 -12.63
N GLU B 203 -2.25 -9.90 -11.94
CA GLU B 203 -1.62 -11.22 -11.90
C GLU B 203 -1.61 -11.85 -13.28
N THR B 204 -2.67 -11.67 -14.06
CA THR B 204 -2.72 -12.19 -15.42
C THR B 204 -1.67 -11.54 -16.30
N LYS B 205 -1.52 -10.21 -16.21
CA LYS B 205 -0.50 -9.52 -17.01
C LYS B 205 0.90 -10.03 -16.66
N ARG B 206 1.18 -10.11 -15.36
CA ARG B 206 2.49 -10.60 -14.91
C ARG B 206 2.73 -12.03 -15.36
N GLU B 207 1.68 -12.87 -15.30
CA GLU B 207 1.82 -14.27 -15.70
C GLU B 207 2.09 -14.38 -17.19
N GLU B 208 1.45 -13.54 -18.01
CA GLU B 208 1.77 -13.54 -19.43
C GLU B 208 3.24 -13.23 -19.67
N ILE B 209 3.73 -12.17 -19.01
CA ILE B 209 5.14 -11.80 -19.20
C ILE B 209 6.06 -12.92 -18.74
N ARG B 210 5.76 -13.50 -17.57
CA ARG B 210 6.62 -14.55 -17.02
C ARG B 210 6.63 -15.78 -17.92
N GLN B 211 5.48 -16.17 -18.46
CA GLN B 211 5.46 -17.33 -19.35
C GLN B 211 6.23 -17.05 -20.64
N GLU B 212 6.13 -15.84 -21.17
CA GLU B 212 6.94 -15.54 -22.35
C GLU B 212 8.43 -15.60 -22.03
N ILE B 213 8.81 -15.16 -20.83
CA ILE B 213 10.22 -15.23 -20.43
C ILE B 213 10.68 -16.68 -20.31
N GLU B 214 9.87 -17.52 -19.65
N GLU B 214 9.87 -17.52 -19.65
CA GLU B 214 10.21 -18.92 -19.45
CA GLU B 214 10.26 -18.91 -19.47
C GLU B 214 10.11 -19.75 -20.72
C GLU B 214 10.19 -19.72 -20.75
N SER B 215 9.61 -19.18 -21.81
CA SER B 215 9.50 -19.89 -23.08
C SER B 215 10.84 -19.94 -23.80
N SER C 1 46.25 -4.44 34.08
CA SER C 1 45.00 -3.84 33.62
C SER C 1 44.79 -4.07 32.13
N ASN C 2 43.81 -4.91 31.80
CA ASN C 2 43.58 -5.27 30.40
C ASN C 2 42.85 -4.14 29.67
N ALA C 3 43.32 -3.84 28.46
CA ALA C 3 42.75 -2.74 27.70
C ALA C 3 41.38 -3.09 27.14
N THR C 4 41.19 -4.35 26.72
CA THR C 4 39.88 -4.76 26.20
C THR C 4 38.82 -4.72 27.29
N ARG C 5 39.16 -5.18 28.50
CA ARG C 5 38.20 -5.13 29.60
C ARG C 5 37.86 -3.69 29.97
N ASP C 6 38.86 -2.82 29.99
CA ASP C 6 38.60 -1.41 30.27
C ASP C 6 37.74 -0.79 29.19
N ALA C 7 37.96 -1.17 27.93
CA ALA C 7 37.14 -0.63 26.84
C ALA C 7 35.69 -1.08 26.95
N LEU C 8 35.47 -2.37 27.24
CA LEU C 8 34.10 -2.86 27.39
C LEU C 8 33.39 -2.18 28.57
N LEU C 9 34.11 -2.03 29.70
CA LEU C 9 33.51 -1.37 30.86
C LEU C 9 33.22 0.09 30.58
N LYS C 10 34.12 0.79 29.90
CA LYS C 10 33.88 2.18 29.56
C LYS C 10 32.71 2.32 28.59
N ALA C 11 32.56 1.37 27.66
CA ALA C 11 31.43 1.42 26.75
C ALA C 11 30.12 1.27 27.51
N MET C 12 30.08 0.34 28.48
CA MET C 12 28.87 0.19 29.29
C MET C 12 28.58 1.45 30.09
N GLN C 13 29.62 2.03 30.71
CA GLN C 13 29.45 3.23 31.53
C GLN C 13 28.98 4.40 30.69
N VAL C 14 29.54 4.56 29.48
CA VAL C 14 29.12 5.63 28.60
C VAL C 14 27.69 5.42 28.16
N GLY C 15 27.32 4.18 27.85
CA GLY C 15 25.94 3.88 27.49
C GLY C 15 24.96 4.18 28.59
N GLU C 16 25.41 4.17 29.84
CA GLU C 16 24.52 4.52 30.94
C GLU C 16 24.30 6.03 31.10
N THR C 17 25.03 6.87 30.37
CA THR C 17 24.98 8.32 30.59
C THR C 17 23.73 8.99 30.00
N SER C 18 23.33 8.61 28.79
CA SER C 18 22.25 9.29 28.10
C SER C 18 21.43 8.29 27.29
N ILE C 19 20.30 8.77 26.75
CA ILE C 19 19.43 7.92 25.94
C ILE C 19 20.10 7.54 24.62
N GLU C 20 20.75 8.50 23.96
CA GLU C 20 21.47 8.19 22.73
C GLU C 20 22.64 7.26 23.01
N ALA C 21 23.40 7.53 24.07
CA ALA C 21 24.50 6.65 24.43
C ALA C 21 24.02 5.25 24.75
N ALA C 22 22.83 5.15 25.38
CA ALA C 22 22.26 3.83 25.61
C ALA C 22 21.86 3.16 24.32
N GLU C 23 21.40 3.94 23.34
CA GLU C 23 21.06 3.37 22.03
C GLU C 23 22.29 2.84 21.32
N TYR C 24 23.46 3.44 21.57
CA TYR C 24 24.68 3.03 20.90
C TYR C 24 25.57 2.11 21.74
N MET C 25 25.17 1.81 22.99
CA MET C 25 25.95 0.94 23.86
C MET C 25 26.27 -0.39 23.18
N ALA C 26 25.25 -1.04 22.61
CA ALA C 26 25.46 -2.35 22.01
C ALA C 26 26.39 -2.27 20.81
N THR C 27 26.26 -1.20 20.02
CA THR C 27 27.15 -1.03 18.87
C THR C 27 28.60 -0.88 19.32
N ARG C 28 28.85 -0.09 20.38
CA ARG C 28 30.22 0.09 20.85
C ARG C 28 30.78 -1.20 21.43
N PHE C 29 29.98 -1.89 22.25
CA PHE C 29 30.40 -3.18 22.81
C PHE C 29 30.72 -4.17 21.70
N GLU C 30 29.87 -4.24 20.67
CA GLU C 30 30.08 -5.15 19.57
C GLU C 30 31.35 -4.80 18.79
N GLN C 31 31.60 -3.51 18.58
CA GLN C 31 32.82 -3.10 17.89
C GLN C 31 34.06 -3.52 18.66
N ILE C 32 34.05 -3.33 19.98
CA ILE C 32 35.21 -3.72 20.78
C ILE C 32 35.40 -5.23 20.73
N LEU C 33 34.31 -5.99 20.82
CA LEU C 33 34.42 -7.44 20.76
C LEU C 33 34.96 -7.89 19.42
N THR C 34 34.50 -7.26 18.32
CA THR C 34 34.96 -7.64 17.00
C THR C 34 36.45 -7.35 16.83
N LYS C 35 36.90 -6.19 17.30
CA LYS C 35 38.33 -5.88 17.23
C LYS C 35 39.17 -6.80 18.11
N ALA C 36 38.59 -7.44 19.11
CA ALA C 36 39.30 -8.35 20.00
C ALA C 36 39.11 -9.82 19.62
N LYS C 37 38.44 -10.09 18.50
CA LYS C 37 38.18 -11.45 18.04
C LYS C 37 37.49 -12.28 19.12
N LEU C 38 36.57 -11.66 19.84
CA LEU C 38 35.85 -12.32 20.92
C LEU C 38 34.49 -12.84 20.49
N LEU C 39 34.16 -12.73 19.22
CA LEU C 39 32.91 -13.25 18.67
C LEU C 39 33.19 -14.40 17.71
N PRO C 40 32.34 -15.44 17.68
CA PRO C 40 31.03 -15.54 18.33
C PRO C 40 31.08 -16.14 19.74
N GLU C 41 32.29 -16.20 20.29
CA GLU C 41 32.49 -16.78 21.61
C GLU C 41 31.75 -16.02 22.69
N CYS C 42 31.68 -14.70 22.58
CA CYS C 42 31.06 -13.86 23.59
C CYS C 42 29.70 -13.34 23.15
N ASN C 43 28.96 -14.14 22.38
CA ASN C 43 27.65 -13.70 21.91
C ASN C 43 26.67 -13.52 23.07
N ASP C 44 26.76 -14.37 24.09
CA ASP C 44 25.85 -14.24 25.22
C ASP C 44 26.06 -12.93 25.97
N MET C 45 27.32 -12.54 26.16
CA MET C 45 27.62 -11.24 26.76
C MET C 45 27.05 -10.11 25.91
N LEU C 46 27.17 -10.22 24.58
CA LEU C 46 26.63 -9.19 23.70
C LEU C 46 25.11 -9.10 23.82
N GLU C 47 24.44 -10.25 23.89
CA GLU C 47 22.99 -10.25 24.06
C GLU C 47 22.59 -9.62 25.39
N LYS C 48 23.34 -9.93 26.46
CA LYS C 48 23.07 -9.33 27.75
C LYS C 48 23.28 -7.83 27.69
N ILE C 49 24.24 -7.38 26.88
CA ILE C 49 24.49 -5.95 26.73
C ILE C 49 23.34 -5.29 25.98
N LYS C 50 22.80 -5.96 24.95
CA LYS C 50 21.67 -5.40 24.22
C LYS C 50 20.46 -5.23 25.13
N GLU C 51 20.16 -6.27 25.92
CA GLU C 51 19.00 -6.20 26.81
C GLU C 51 19.21 -5.16 27.91
N TYR C 52 20.40 -5.12 28.51
CA TYR C 52 20.70 -4.10 29.50
C TYR C 52 20.59 -2.69 28.92
N ALA C 53 21.06 -2.51 27.67
CA ALA C 53 20.95 -1.21 27.02
C ALA C 53 19.51 -0.81 26.83
N GLN C 54 18.66 -1.76 26.43
CA GLN C 54 17.25 -1.45 26.24
C GLN C 54 16.60 -1.03 27.55
N PHE C 55 16.90 -1.75 28.64
CA PHE C 55 16.34 -1.40 29.93
C PHE C 55 16.83 -0.04 30.42
N VAL C 56 18.13 0.22 30.28
CA VAL C 56 18.68 1.50 30.73
C VAL C 56 18.11 2.65 29.91
N LYS C 57 17.99 2.44 28.60
CA LYS C 57 17.41 3.46 27.73
C LYS C 57 15.97 3.76 28.13
N PHE C 58 15.19 2.72 28.41
CA PHE C 58 13.80 2.93 28.82
C PHE C 58 13.72 3.65 30.16
N LYS C 59 14.60 3.29 31.10
CA LYS C 59 14.59 3.98 32.39
C LYS C 59 14.92 5.46 32.22
N LEU C 60 15.96 5.77 31.44
CA LEU C 60 16.34 7.16 31.23
C LEU C 60 15.26 7.93 30.50
N LEU C 61 14.64 7.31 29.48
CA LEU C 61 13.58 7.96 28.73
C LEU C 61 12.36 8.24 29.61
N SER C 62 11.94 7.25 30.38
CA SER C 62 10.79 7.42 31.28
C SER C 62 11.06 8.52 32.30
N SER C 63 12.27 8.53 32.87
CA SER C 63 12.60 9.57 33.84
C SER C 63 12.55 10.95 33.19
N ALA C 64 13.13 11.08 31.99
CA ALA C 64 13.18 12.38 31.33
C ALA C 64 11.78 12.88 30.97
N GLN C 65 10.90 11.99 30.54
CA GLN C 65 9.52 12.35 30.20
C GLN C 65 8.65 12.30 31.45
N VAL C 66 8.46 13.45 32.10
CA VAL C 66 7.68 13.50 33.33
C VAL C 66 6.20 13.42 32.98
N TRP C 67 5.47 12.56 33.66
CA TRP C 67 4.04 12.39 33.44
C TRP C 67 3.27 13.53 34.09
N SER C 68 2.37 14.15 33.31
CA SER C 68 1.50 15.21 33.80
C SER C 68 0.05 14.74 33.71
N GLY C 69 -0.75 15.09 34.72
CA GLY C 69 -2.14 14.69 34.73
C GLY C 69 -2.74 14.50 36.11
N GLN C 70 -1.90 14.15 37.09
CA GLN C 70 -2.31 13.97 38.48
C GLN C 70 -3.45 12.97 38.63
N LYS C 84 -14.00 15.28 33.17
CA LYS C 84 -13.38 15.52 31.87
C LYS C 84 -14.00 14.64 30.80
N ALA C 85 -13.68 14.93 29.54
CA ALA C 85 -14.17 14.17 28.40
C ALA C 85 -12.99 13.78 27.51
N GLU C 86 -13.29 12.93 26.52
CA GLU C 86 -12.30 12.56 25.51
C GLU C 86 -11.79 13.78 24.74
N PHE C 87 -12.59 14.84 24.68
CA PHE C 87 -12.29 16.15 24.10
C PHE C 87 -10.82 16.43 23.83
N LEU C 88 -9.97 16.21 24.83
CA LEU C 88 -8.52 16.42 24.75
C LEU C 88 -7.91 15.85 23.48
N ALA C 89 -8.54 14.84 22.88
CA ALA C 89 -8.04 14.25 21.66
C ALA C 89 -8.02 15.28 20.54
N SER C 90 -9.21 15.70 20.10
CA SER C 90 -9.37 16.84 19.18
C SER C 90 -8.65 16.62 17.86
N HIS C 91 -7.39 17.04 17.79
CA HIS C 91 -6.60 16.88 16.57
C HIS C 91 -5.21 16.38 16.99
N LEU C 92 -4.25 16.45 16.06
CA LEU C 92 -2.90 16.01 16.32
C LEU C 92 -1.93 16.56 15.28
N GLU C 93 -2.05 17.85 14.98
CA GLU C 93 -1.19 18.51 14.00
C GLU C 93 0.23 18.62 14.53
N GLY C 94 1.10 17.70 14.10
CA GLY C 94 2.49 17.77 14.52
C GLY C 94 3.07 16.47 15.04
N LEU C 95 2.69 15.34 14.44
CA LEU C 95 3.24 14.11 15.01
C LEU C 95 4.43 13.61 14.21
N PRO C 96 5.56 13.31 14.88
CA PRO C 96 6.75 12.82 14.17
C PRO C 96 6.58 11.39 13.65
N SER C 97 7.57 10.90 12.91
CA SER C 97 7.54 9.54 12.40
C SER C 97 8.08 8.56 13.44
N GLY C 98 8.01 7.27 13.11
CA GLY C 98 8.51 6.21 13.96
C GLY C 98 8.04 6.26 15.40
N LEU C 99 6.75 6.49 15.62
CA LEU C 99 6.23 6.62 16.97
C LEU C 99 6.17 5.26 17.67
N LYS C 100 6.67 5.21 18.90
CA LYS C 100 6.70 4.01 19.70
C LYS C 100 6.38 4.35 21.14
N LEU C 101 5.54 3.54 21.78
CA LEU C 101 5.23 3.66 23.19
C LEU C 101 5.76 2.44 23.93
N GLU C 102 6.65 2.67 24.89
CA GLU C 102 7.15 1.61 25.77
C GLU C 102 6.49 1.77 27.13
N VAL C 103 5.85 0.71 27.61
CA VAL C 103 5.10 0.75 28.86
C VAL C 103 5.46 -0.46 29.70
N ALA C 104 5.74 -0.24 30.98
CA ALA C 104 6.06 -1.31 31.91
C ALA C 104 5.18 -1.18 33.15
N ILE C 105 4.54 -2.29 33.52
CA ILE C 105 3.72 -2.38 34.73
C ILE C 105 4.31 -3.45 35.63
N GLY C 106 4.70 -3.06 36.85
CA GLY C 106 5.24 -4.00 37.80
C GLY C 106 4.18 -4.78 38.54
N ASP C 107 4.62 -5.82 39.25
CA ASP C 107 3.70 -6.64 40.04
C ASP C 107 3.07 -5.85 41.19
N ASP C 108 3.67 -4.72 41.57
CA ASP C 108 3.10 -3.84 42.59
C ASP C 108 2.32 -2.69 42.00
N ALA C 109 2.03 -2.74 40.70
CA ALA C 109 1.23 -1.77 39.92
C ALA C 109 2.01 -0.51 39.55
N LYS C 110 3.30 -0.42 39.86
CA LYS C 110 4.08 0.72 39.41
C LYS C 110 4.10 0.78 37.89
N ILE C 111 4.00 2.00 37.35
CA ILE C 111 3.87 2.22 35.92
C ILE C 111 4.99 3.12 35.43
N LEU C 112 5.57 2.76 34.30
CA LEU C 112 6.54 3.60 33.61
C LEU C 112 6.21 3.63 32.12
N ARG C 113 6.32 4.81 31.51
CA ARG C 113 6.02 4.99 30.10
C ARG C 113 7.09 5.84 29.44
N GLY C 114 7.33 5.55 28.16
CA GLY C 114 8.24 6.32 27.34
C GLY C 114 7.80 6.43 25.89
N PHE C 115 7.70 7.66 25.39
CA PHE C 115 7.33 7.92 24.00
C PHE C 115 8.58 8.22 23.20
N SER C 116 8.74 7.54 22.07
CA SER C 116 9.94 7.65 21.24
C SER C 116 9.56 7.83 19.78
N SER C 117 10.44 8.51 19.04
CA SER C 117 10.28 8.69 17.60
C SER C 117 11.57 8.24 16.91
N ASN C 118 11.50 7.11 16.20
CA ASN C 118 12.65 6.53 15.52
C ASN C 118 13.82 6.35 16.48
N GLY C 119 13.51 5.96 17.71
CA GLY C 119 14.52 5.76 18.73
C GLY C 119 14.99 7.02 19.42
N LYS C 120 14.32 8.15 19.18
CA LYS C 120 14.71 9.44 19.76
C LYS C 120 13.60 9.92 20.69
N MET C 121 14.01 10.61 21.75
CA MET C 121 13.05 11.08 22.75
C MET C 121 12.09 12.10 22.16
N VAL C 122 10.80 11.88 22.39
CA VAL C 122 9.77 12.85 22.03
C VAL C 122 9.63 13.82 23.19
N GLU C 123 9.66 15.11 22.89
CA GLU C 123 9.65 16.15 23.92
C GLU C 123 8.66 17.24 23.55
N GLY C 124 8.41 18.12 24.51
CA GLY C 124 7.59 19.29 24.25
C GLY C 124 6.12 18.95 24.05
N ASP C 125 5.48 19.76 23.20
CA ASP C 125 4.06 19.61 22.95
C ASP C 125 3.73 18.30 22.23
N GLN C 126 4.66 17.74 21.47
CA GLN C 126 4.45 16.40 20.93
C GLN C 126 4.28 15.37 22.04
N LEU C 127 5.17 15.43 23.05
CA LEU C 127 5.03 14.58 24.21
C LEU C 127 3.74 14.88 24.96
N LYS C 128 3.36 16.15 25.01
CA LYS C 128 2.11 16.52 25.69
C LYS C 128 0.90 15.92 24.98
N THR C 129 0.90 15.94 23.65
CA THR C 129 -0.21 15.38 22.88
C THR C 129 -0.29 13.87 23.10
N MET C 130 0.86 13.19 23.03
CA MET C 130 0.85 11.74 23.23
C MET C 130 0.43 11.39 24.66
N ASP C 131 0.88 12.17 25.65
CA ASP C 131 0.50 11.91 27.03
C ASP C 131 -0.99 12.16 27.24
N GLY C 132 -1.55 13.17 26.57
CA GLY C 132 -2.99 13.40 26.65
C GLY C 132 -3.78 12.25 26.03
N LEU C 133 -3.31 11.72 24.91
CA LEU C 133 -3.97 10.56 24.32
C LEU C 133 -3.86 9.33 25.22
N LEU C 134 -2.73 9.18 25.91
CA LEU C 134 -2.59 8.08 26.85
C LEU C 134 -3.55 8.24 28.02
N GLU C 135 -3.70 9.48 28.52
CA GLU C 135 -4.72 9.75 29.53
C GLU C 135 -6.12 9.45 29.00
N GLY C 136 -6.35 9.70 27.72
CA GLY C 136 -7.64 9.40 27.13
C GLY C 136 -7.94 7.92 27.14
N TRP C 137 -6.98 7.11 26.68
CA TRP C 137 -7.16 5.65 26.73
C TRP C 137 -7.36 5.16 28.15
N LEU C 138 -6.56 5.68 29.09
CA LEU C 138 -6.67 5.27 30.49
C LEU C 138 -8.07 5.59 31.04
N ALA C 139 -8.52 6.83 30.86
CA ALA C 139 -9.83 7.22 31.37
C ALA C 139 -10.94 6.42 30.69
N LYS C 140 -10.82 6.20 29.38
CA LYS C 140 -11.79 5.39 28.66
C LYS C 140 -11.91 4.00 29.28
N ASN C 141 -10.78 3.45 29.75
CA ASN C 141 -10.81 2.18 30.46
C ASN C 141 -10.88 2.36 31.97
N SER C 142 -11.26 3.56 32.43
CA SER C 142 -11.41 3.87 33.86
C SER C 142 -10.13 3.59 34.64
N LEU C 143 -9.01 4.10 34.10
CA LEU C 143 -7.70 3.92 34.70
C LEU C 143 -6.99 5.26 34.80
N ALA C 144 -6.10 5.37 35.77
CA ALA C 144 -5.32 6.59 35.97
C ALA C 144 -3.94 6.22 36.46
N ILE C 145 -3.01 7.18 36.29
CA ILE C 145 -1.64 7.04 36.78
C ILE C 145 -1.47 8.00 37.95
N SER C 146 -1.42 7.45 39.16
CA SER C 146 -1.26 8.24 40.36
C SER C 146 -0.13 7.66 41.20
N GLY C 147 0.75 8.53 41.67
CA GLY C 147 1.85 8.09 42.52
C GLY C 147 2.78 7.11 41.84
N GLY C 148 2.93 7.21 40.52
CA GLY C 148 3.73 6.24 39.80
C GLY C 148 3.11 4.87 39.70
N ALA C 149 1.82 4.73 39.95
CA ALA C 149 1.14 3.45 39.93
C ALA C 149 -0.14 3.55 39.12
N VAL C 150 -0.57 2.41 38.59
CA VAL C 150 -1.84 2.31 37.86
C VAL C 150 -2.96 2.08 38.87
N VAL C 151 -3.98 2.93 38.83
CA VAL C 151 -5.10 2.82 39.75
C VAL C 151 -6.40 2.85 38.95
N LYS C 152 -7.43 2.22 39.50
CA LYS C 152 -8.77 2.30 38.94
C LYS C 152 -9.51 3.49 39.52
N ILE C 153 -10.23 4.21 38.67
CA ILE C 153 -10.94 5.42 39.07
C ILE C 153 -12.43 5.19 38.93
N ASP C 154 -13.17 5.43 40.02
CA ASP C 154 -14.62 5.39 39.99
C ASP C 154 -15.16 6.73 39.48
N ASN C 155 -16.49 6.77 39.29
CA ASN C 155 -17.15 7.97 38.79
C ASN C 155 -16.77 9.21 39.59
N THR C 156 -16.84 9.13 40.92
CA THR C 156 -16.48 10.28 41.76
C THR C 156 -15.00 10.63 41.68
N GLY C 157 -14.15 9.68 41.31
CA GLY C 157 -12.72 9.90 41.24
C GLY C 157 -11.91 9.19 42.31
N ASN C 158 -12.50 8.23 43.03
CA ASN C 158 -11.80 7.47 44.04
C ASN C 158 -10.89 6.43 43.39
N GLN C 159 -9.67 6.33 43.90
CA GLN C 159 -8.65 5.47 43.33
C GLN C 159 -8.65 4.11 44.04
N THR C 160 -8.83 3.04 43.26
CA THR C 160 -8.84 1.68 43.74
C THR C 160 -7.66 0.90 43.17
N LYS C 161 -7.31 -0.19 43.85
CA LYS C 161 -6.20 -1.04 43.42
C LYS C 161 -6.55 -1.77 42.13
N VAL C 162 -5.51 -2.04 41.33
CA VAL C 162 -5.68 -2.66 40.02
C VAL C 162 -4.90 -3.97 39.98
N ASP C 163 -5.30 -4.85 39.05
CA ASP C 163 -4.57 -6.09 38.80
C ASP C 163 -3.57 -5.87 37.68
N PRO C 164 -2.26 -6.01 37.92
CA PRO C 164 -1.27 -5.71 36.86
C PRO C 164 -1.44 -6.49 35.57
N GLN C 165 -1.60 -7.82 35.66
CA GLN C 165 -1.67 -8.63 34.45
C GLN C 165 -2.88 -8.26 33.59
N GLU C 166 -4.00 -7.92 34.23
CA GLU C 166 -5.14 -7.47 33.47
C GLU C 166 -4.80 -6.22 32.65
N ILE C 167 -4.08 -5.27 33.26
CA ILE C 167 -3.74 -4.05 32.52
C ILE C 167 -2.73 -4.36 31.44
N ARG C 168 -1.80 -5.26 31.71
CA ARG C 168 -0.82 -5.67 30.70
C ARG C 168 -1.51 -6.22 29.47
N GLN C 169 -2.47 -7.12 29.67
CA GLN C 169 -3.18 -7.68 28.51
C GLN C 169 -4.15 -6.67 27.92
N LEU C 170 -4.65 -5.72 28.72
CA LEU C 170 -5.52 -4.69 28.20
C LEU C 170 -4.77 -3.79 27.22
N ILE C 171 -3.50 -3.51 27.50
CA ILE C 171 -2.72 -2.66 26.60
C ILE C 171 -2.51 -3.35 25.25
N ASN C 172 -2.26 -4.66 25.26
CA ASN C 172 -1.94 -5.39 24.03
C ASN C 172 -3.18 -5.92 23.30
N ASP C 173 -4.38 -5.62 23.78
CA ASP C 173 -5.58 -6.14 23.14
C ASP C 173 -5.77 -5.51 21.76
N SER C 174 -6.22 -6.34 20.80
CA SER C 174 -6.43 -5.86 19.45
C SER C 174 -7.57 -4.85 19.38
N GLU C 175 -8.64 -5.08 20.15
CA GLU C 175 -9.80 -4.21 20.13
C GLU C 175 -9.72 -3.07 21.14
N LYS C 176 -9.31 -3.37 22.38
CA LYS C 176 -9.33 -2.41 23.47
C LYS C 176 -7.94 -1.88 23.83
N GLY C 177 -6.96 -2.04 22.93
CA GLY C 177 -5.59 -1.71 23.25
C GLY C 177 -5.20 -0.27 22.96
N VAL C 178 -4.01 0.09 23.45
CA VAL C 178 -3.48 1.43 23.25
C VAL C 178 -3.26 1.71 21.76
N ALA C 179 -2.63 0.77 21.07
CA ALA C 179 -2.38 0.94 19.64
C ALA C 179 -3.69 1.19 18.89
N LYS C 180 -4.73 0.42 19.21
CA LYS C 180 -6.03 0.62 18.57
C LYS C 180 -6.58 2.00 18.87
N TYR C 181 -6.47 2.45 20.13
CA TYR C 181 -6.93 3.79 20.50
C TYR C 181 -6.22 4.86 19.67
N PHE C 182 -4.90 4.76 19.55
CA PHE C 182 -4.14 5.73 18.78
C PHE C 182 -4.53 5.69 17.30
N ALA C 183 -4.62 4.49 16.72
CA ALA C 183 -4.96 4.35 15.32
C ALA C 183 -6.34 4.92 15.01
N ASP C 184 -7.33 4.58 15.85
CA ASP C 184 -8.66 5.12 15.69
C ASP C 184 -8.67 6.63 15.86
N LYS C 185 -7.67 7.19 16.54
CA LYS C 185 -7.54 8.62 16.67
C LYS C 185 -6.62 9.21 15.60
N GLY C 186 -6.26 8.41 14.59
CA GLY C 186 -5.45 8.89 13.48
C GLY C 186 -3.96 8.91 13.72
N VAL C 187 -3.48 8.30 14.81
CA VAL C 187 -2.07 8.35 15.19
C VAL C 187 -1.52 6.93 15.13
N GLY C 188 -0.51 6.72 14.30
CA GLY C 188 0.18 5.45 14.28
C GLY C 188 1.17 5.31 15.42
N MET C 189 0.93 4.33 16.30
CA MET C 189 1.72 4.16 17.51
C MET C 189 2.04 2.68 17.71
N GLU C 190 3.32 2.34 17.70
CA GLU C 190 3.74 0.99 18.06
C GLU C 190 3.84 0.91 19.59
N VAL C 191 3.28 -0.15 20.16
CA VAL C 191 3.28 -0.35 21.61
C VAL C 191 4.15 -1.55 21.94
N ALA C 192 5.19 -1.33 22.74
CA ALA C 192 6.09 -2.39 23.17
C ALA C 192 6.12 -2.44 24.69
N GLN C 193 5.50 -3.47 25.26
CA GLN C 193 5.49 -3.64 26.72
C GLN C 193 6.80 -4.25 27.19
N ARG C 194 7.29 -3.77 28.32
CA ARG C 194 8.55 -4.23 28.88
C ARG C 194 8.34 -4.71 30.30
N THR C 195 9.28 -5.53 30.76
CA THR C 195 9.27 -5.96 32.15
C THR C 195 9.67 -4.78 33.01
N TYR C 196 8.88 -4.48 34.04
CA TYR C 196 9.24 -3.40 34.93
C TYR C 196 10.53 -3.77 35.66
N GLN C 197 11.50 -2.87 35.71
CA GLN C 197 12.80 -3.15 36.30
C GLN C 197 13.04 -2.23 37.48
N GLU C 198 13.00 -2.78 38.68
CA GLU C 198 13.36 -2.04 39.87
C GLU C 198 14.89 -1.85 39.90
N PRO C 199 15.38 -0.79 40.56
CA PRO C 199 16.84 -0.51 40.52
C PRO C 199 17.72 -1.73 40.79
N LYS C 200 17.38 -2.55 41.79
CA LYS C 200 18.23 -3.68 42.14
C LYS C 200 18.34 -4.68 40.99
N ALA C 201 17.29 -4.84 40.20
CA ALA C 201 17.35 -5.76 39.07
C ALA C 201 18.35 -5.28 38.02
N LEU C 202 18.33 -3.98 37.71
CA LEU C 202 19.29 -3.44 36.76
C LEU C 202 20.71 -3.54 37.29
N GLU C 203 20.89 -3.34 38.61
CA GLU C 203 22.22 -3.51 39.17
C GLU C 203 22.68 -4.96 39.09
N THR C 204 21.78 -5.92 39.27
CA THR C 204 22.16 -7.32 39.14
C THR C 204 22.58 -7.64 37.71
N LYS C 205 21.81 -7.17 36.72
CA LYS C 205 22.21 -7.41 35.33
C LYS C 205 23.56 -6.76 35.03
N ARG C 206 23.76 -5.53 35.49
CA ARG C 206 25.03 -4.84 35.28
C ARG C 206 26.18 -5.60 35.92
N GLU C 207 25.97 -6.12 37.13
CA GLU C 207 27.03 -6.88 37.81
C GLU C 207 27.33 -8.17 37.07
N GLU C 208 26.30 -8.83 36.52
CA GLU C 208 26.52 -10.01 35.70
C GLU C 208 27.41 -9.69 34.50
N ILE C 209 27.08 -8.62 33.78
CA ILE C 209 27.88 -8.25 32.61
C ILE C 209 29.31 -7.91 33.02
N ARG C 210 29.46 -7.17 34.13
CA ARG C 210 30.79 -6.79 34.58
C ARG C 210 31.62 -8.02 34.95
N GLN C 211 31.00 -9.00 35.61
CA GLN C 211 31.73 -10.22 35.96
C GLN C 211 32.11 -11.01 34.72
N GLU C 212 31.23 -11.06 33.72
CA GLU C 212 31.60 -11.73 32.47
C GLU C 212 32.76 -11.02 31.78
N ILE C 213 32.79 -9.69 31.86
CA ILE C 213 33.91 -8.94 31.28
C ILE C 213 35.20 -9.27 32.02
N GLU C 214 35.16 -9.19 33.35
CA GLU C 214 36.32 -9.51 34.18
C GLU C 214 36.71 -10.98 34.14
N SER C 215 35.95 -11.81 33.44
CA SER C 215 36.27 -13.24 33.33
C SER C 215 37.24 -13.49 32.18
N SER D 1 -48.52 -16.96 4.60
CA SER D 1 -47.42 -16.07 4.22
C SER D 1 -47.89 -14.62 4.22
N ASN D 2 -46.94 -13.69 4.38
CA ASN D 2 -47.28 -12.27 4.45
C ASN D 2 -47.68 -11.76 3.07
N ALA D 3 -48.85 -11.14 2.99
CA ALA D 3 -49.37 -10.72 1.69
C ALA D 3 -48.63 -9.53 1.13
N THR D 4 -48.25 -8.57 1.99
CA THR D 4 -47.48 -7.42 1.52
C THR D 4 -46.10 -7.82 1.05
N ARG D 5 -45.45 -8.75 1.76
CA ARG D 5 -44.13 -9.22 1.36
C ARG D 5 -44.20 -9.92 0.02
N ASP D 6 -45.23 -10.76 -0.17
CA ASP D 6 -45.42 -11.45 -1.44
C ASP D 6 -45.71 -10.45 -2.55
N ALA D 7 -46.48 -9.40 -2.26
CA ALA D 7 -46.78 -8.40 -3.28
C ALA D 7 -45.51 -7.67 -3.72
N LEU D 8 -44.67 -7.26 -2.76
CA LEU D 8 -43.43 -6.58 -3.11
C LEU D 8 -42.51 -7.50 -3.91
N LEU D 9 -42.41 -8.77 -3.50
CA LEU D 9 -41.56 -9.70 -4.24
C LEU D 9 -42.09 -9.95 -5.64
N LYS D 10 -43.42 -10.09 -5.78
CA LYS D 10 -44.01 -10.29 -7.09
C LYS D 10 -43.81 -9.07 -7.99
N ALA D 11 -43.88 -7.87 -7.42
CA ALA D 11 -43.63 -6.67 -8.22
C ALA D 11 -42.20 -6.66 -8.73
N MET D 12 -41.24 -7.03 -7.87
CA MET D 12 -39.85 -7.11 -8.32
C MET D 12 -39.69 -8.16 -9.41
N GLN D 13 -40.31 -9.33 -9.23
CA GLN D 13 -40.19 -10.42 -10.20
C GLN D 13 -40.82 -10.05 -11.54
N VAL D 14 -41.98 -9.41 -11.50
CA VAL D 14 -42.64 -8.98 -12.74
C VAL D 14 -41.82 -7.94 -13.46
N GLY D 15 -41.22 -7.00 -12.71
CA GLY D 15 -40.40 -5.98 -13.34
C GLY D 15 -39.20 -6.53 -14.10
N GLU D 16 -38.73 -7.73 -13.74
CA GLU D 16 -37.61 -8.36 -14.44
C GLU D 16 -38.01 -9.03 -15.75
N THR D 17 -39.30 -9.14 -16.06
CA THR D 17 -39.75 -9.90 -17.21
C THR D 17 -39.59 -9.15 -18.53
N SER D 18 -39.87 -7.85 -18.55
CA SER D 18 -39.85 -7.09 -19.80
C SER D 18 -39.33 -5.68 -19.54
N ILE D 19 -39.09 -4.96 -20.63
CA ILE D 19 -38.60 -3.59 -20.53
C ILE D 19 -39.67 -2.67 -19.96
N GLU D 20 -40.91 -2.84 -20.42
CA GLU D 20 -42.01 -2.03 -19.88
C GLU D 20 -42.25 -2.34 -18.41
N ALA D 21 -42.25 -3.63 -18.05
CA ALA D 21 -42.44 -4.00 -16.65
C ALA D 21 -41.31 -3.46 -15.78
N ALA D 22 -40.08 -3.39 -16.31
CA ALA D 22 -38.99 -2.78 -15.57
C ALA D 22 -39.18 -1.28 -15.42
N GLU D 23 -39.76 -0.63 -16.43
CA GLU D 23 -40.04 0.80 -16.31
C GLU D 23 -41.03 1.09 -15.21
N TYR D 24 -41.97 0.18 -14.95
CA TYR D 24 -43.02 0.37 -13.96
C TYR D 24 -42.74 -0.34 -12.64
N MET D 25 -41.62 -1.05 -12.51
CA MET D 25 -41.32 -1.75 -11.27
C MET D 25 -41.39 -0.82 -10.08
N ALA D 26 -40.75 0.35 -10.17
CA ALA D 26 -40.72 1.27 -9.05
C ALA D 26 -42.11 1.79 -8.72
N THR D 27 -42.93 2.05 -9.75
CA THR D 27 -44.30 2.52 -9.52
C THR D 27 -45.12 1.48 -8.75
N ARG D 28 -45.02 0.21 -9.15
CA ARG D 28 -45.79 -0.82 -8.47
C ARG D 28 -45.30 -1.04 -7.05
N PHE D 29 -43.97 -1.10 -6.87
CA PHE D 29 -43.39 -1.23 -5.54
C PHE D 29 -43.82 -0.08 -4.64
N GLU D 30 -43.79 1.15 -5.17
CA GLU D 30 -44.18 2.32 -4.40
C GLU D 30 -45.65 2.28 -4.03
N GLN D 31 -46.50 1.84 -4.97
CA GLN D 31 -47.92 1.73 -4.69
C GLN D 31 -48.18 0.73 -3.58
N ILE D 32 -47.50 -0.41 -3.62
CA ILE D 32 -47.68 -1.41 -2.55
C ILE D 32 -47.21 -0.86 -1.22
N LEU D 33 -46.06 -0.17 -1.21
CA LEU D 33 -45.56 0.39 0.04
C LEU D 33 -46.52 1.44 0.60
N THR D 34 -47.07 2.27 -0.28
CA THR D 34 -48.00 3.30 0.17
C THR D 34 -49.27 2.69 0.74
N LYS D 35 -49.81 1.67 0.08
CA LYS D 35 -51.00 0.99 0.59
C LYS D 35 -50.72 0.26 1.91
N ALA D 36 -49.46 -0.06 2.19
CA ALA D 36 -49.08 -0.73 3.43
C ALA D 36 -48.55 0.24 4.48
N LYS D 37 -48.58 1.55 4.20
CA LYS D 37 -48.09 2.57 5.12
C LYS D 37 -46.64 2.31 5.52
N LEU D 38 -45.84 1.85 4.56
CA LEU D 38 -44.45 1.54 4.81
C LEU D 38 -43.51 2.68 4.42
N LEU D 39 -44.06 3.81 4.00
CA LEU D 39 -43.32 5.02 3.66
C LEU D 39 -43.63 6.13 4.65
N PRO D 40 -42.64 6.97 5.00
CA PRO D 40 -41.31 7.06 4.39
C PRO D 40 -40.24 6.19 5.06
N GLU D 41 -40.67 5.27 5.93
CA GLU D 41 -39.71 4.45 6.66
C GLU D 41 -38.92 3.54 5.71
N CYS D 42 -39.53 3.10 4.62
CA CYS D 42 -38.89 2.21 3.66
C CYS D 42 -38.44 2.95 2.40
N ASN D 43 -37.99 4.20 2.55
CA ASN D 43 -37.54 4.97 1.39
C ASN D 43 -36.28 4.37 0.78
N ASP D 44 -35.37 3.83 1.62
CA ASP D 44 -34.14 3.25 1.09
C ASP D 44 -34.43 2.02 0.24
N MET D 45 -35.39 1.18 0.67
CA MET D 45 -35.80 0.05 -0.15
C MET D 45 -36.35 0.53 -1.49
N LEU D 46 -37.14 1.61 -1.47
CA LEU D 46 -37.69 2.14 -2.72
C LEU D 46 -36.59 2.65 -3.64
N GLU D 47 -35.59 3.33 -3.07
CA GLU D 47 -34.47 3.81 -3.90
C GLU D 47 -33.70 2.64 -4.51
N LYS D 48 -33.45 1.59 -3.71
CA LYS D 48 -32.78 0.42 -4.26
C LYS D 48 -33.63 -0.23 -5.35
N ILE D 49 -34.96 -0.17 -5.22
CA ILE D 49 -35.82 -0.72 -6.25
C ILE D 49 -35.72 0.11 -7.52
N LYS D 50 -35.66 1.44 -7.39
CA LYS D 50 -35.52 2.29 -8.57
C LYS D 50 -34.21 2.01 -9.30
N GLU D 51 -33.10 1.90 -8.55
CA GLU D 51 -31.82 1.66 -9.20
C GLU D 51 -31.76 0.28 -9.83
N TYR D 52 -32.24 -0.74 -9.12
CA TYR D 52 -32.29 -2.09 -9.69
C TYR D 52 -33.15 -2.12 -10.94
N ALA D 53 -34.27 -1.40 -10.92
CA ALA D 53 -35.15 -1.34 -12.10
C ALA D 53 -34.44 -0.67 -13.28
N GLN D 54 -33.69 0.41 -13.03
CA GLN D 54 -32.96 1.02 -14.15
C GLN D 54 -31.88 0.08 -14.70
N PHE D 55 -31.16 -0.63 -13.82
CA PHE D 55 -30.16 -1.58 -14.32
C PHE D 55 -30.80 -2.73 -15.11
N VAL D 56 -31.91 -3.29 -14.60
CA VAL D 56 -32.56 -4.39 -15.28
C VAL D 56 -33.12 -3.94 -16.63
N LYS D 57 -33.72 -2.74 -16.67
CA LYS D 57 -34.22 -2.22 -17.93
C LYS D 57 -33.10 -2.04 -18.93
N PHE D 58 -31.96 -1.50 -18.50
CA PHE D 58 -30.84 -1.33 -19.44
C PHE D 58 -30.31 -2.67 -19.93
N LYS D 59 -30.24 -3.67 -19.05
CA LYS D 59 -29.78 -4.99 -19.49
C LYS D 59 -30.72 -5.57 -20.54
N LEU D 60 -32.04 -5.49 -20.28
CA LEU D 60 -33.01 -6.01 -21.24
C LEU D 60 -33.00 -5.24 -22.55
N LEU D 61 -32.87 -3.92 -22.48
CA LEU D 61 -32.82 -3.10 -23.70
C LEU D 61 -31.59 -3.40 -24.52
N SER D 62 -30.42 -3.47 -23.87
CA SER D 62 -29.19 -3.78 -24.58
C SER D 62 -29.25 -5.16 -25.21
N SER D 63 -29.78 -6.15 -24.48
CA SER D 63 -29.90 -7.48 -25.03
C SER D 63 -30.84 -7.50 -26.24
N ALA D 64 -32.00 -6.84 -26.12
CA ALA D 64 -32.97 -6.85 -27.21
C ALA D 64 -32.43 -6.17 -28.46
N GLN D 65 -31.68 -5.07 -28.29
CA GLN D 65 -31.10 -4.34 -29.41
C GLN D 65 -29.75 -4.95 -29.76
N VAL D 66 -29.73 -5.83 -30.75
CA VAL D 66 -28.51 -6.52 -31.15
C VAL D 66 -27.63 -5.55 -31.93
N TRP D 67 -26.35 -5.50 -31.58
CA TRP D 67 -25.41 -4.62 -32.26
C TRP D 67 -25.05 -5.16 -33.63
N SER D 68 -25.15 -4.31 -34.64
CA SER D 68 -24.80 -4.64 -36.02
C SER D 68 -23.63 -3.75 -36.43
N GLY D 69 -22.46 -4.35 -36.60
CA GLY D 69 -21.27 -3.62 -36.98
C GLY D 69 -20.14 -4.53 -37.39
N GLN D 70 -18.93 -4.24 -36.92
CA GLN D 70 -17.77 -5.08 -37.19
C GLN D 70 -16.93 -5.29 -35.93
N LYS D 84 -15.01 6.27 -44.58
CA LYS D 84 -15.50 4.89 -44.63
C LYS D 84 -16.85 4.75 -43.93
N ALA D 85 -16.81 4.64 -42.60
CA ALA D 85 -18.04 4.54 -41.81
C ALA D 85 -18.48 5.89 -41.26
N GLU D 86 -17.53 6.76 -40.93
CA GLU D 86 -17.86 8.13 -40.53
C GLU D 86 -18.56 8.92 -41.63
N PHE D 87 -18.43 8.50 -42.88
CA PHE D 87 -19.06 9.22 -43.98
C PHE D 87 -20.57 8.99 -44.04
N LEU D 88 -20.99 7.73 -44.17
CA LEU D 88 -22.42 7.38 -44.18
C LEU D 88 -23.17 8.00 -43.01
N ALA D 89 -23.42 9.30 -43.04
CA ALA D 89 -24.09 9.98 -41.95
C ALA D 89 -24.84 11.21 -42.47
N SER D 90 -25.69 11.01 -43.47
CA SER D 90 -26.62 12.05 -43.90
C SER D 90 -27.90 12.07 -43.07
N HIS D 91 -27.94 11.30 -41.99
CA HIS D 91 -29.09 11.23 -41.09
C HIS D 91 -30.34 10.77 -41.81
N LEU D 92 -31.49 10.96 -41.19
CA LEU D 92 -32.78 10.57 -41.77
C LEU D 92 -33.88 11.31 -41.02
N GLU D 93 -34.88 11.77 -41.78
CA GLU D 93 -36.03 12.45 -41.16
C GLU D 93 -36.92 11.50 -40.33
N GLY D 94 -36.51 10.24 -40.13
CA GLY D 94 -37.30 9.28 -39.40
C GLY D 94 -36.84 8.98 -37.98
N LEU D 95 -36.36 9.99 -37.25
CA LEU D 95 -35.90 9.77 -35.89
C LEU D 95 -36.97 10.17 -34.89
N PRO D 96 -37.28 9.32 -33.91
CA PRO D 96 -38.33 9.64 -32.92
C PRO D 96 -37.92 10.74 -31.97
N SER D 97 -38.85 11.16 -31.11
CA SER D 97 -38.56 12.17 -30.11
C SER D 97 -37.99 11.51 -28.85
N GLY D 98 -37.59 12.36 -27.89
CA GLY D 98 -37.07 11.86 -26.62
C GLY D 98 -35.98 10.82 -26.74
N LEU D 99 -35.02 11.04 -27.64
CA LEU D 99 -33.97 10.06 -27.88
C LEU D 99 -32.96 10.09 -26.73
N LYS D 100 -32.61 8.89 -26.23
CA LYS D 100 -31.67 8.76 -25.12
C LYS D 100 -30.79 7.55 -25.39
N LEU D 101 -29.49 7.71 -25.14
CA LEU D 101 -28.52 6.63 -25.26
C LEU D 101 -27.93 6.29 -23.90
N GLU D 102 -28.07 5.03 -23.50
CA GLU D 102 -27.47 4.51 -22.28
C GLU D 102 -26.28 3.64 -22.69
N VAL D 103 -25.11 3.94 -22.16
CA VAL D 103 -23.88 3.24 -22.53
C VAL D 103 -23.10 2.89 -21.26
N ALA D 104 -22.65 1.64 -21.18
CA ALA D 104 -21.86 1.17 -20.04
C ALA D 104 -20.58 0.51 -20.54
N ILE D 105 -19.44 0.91 -19.97
CA ILE D 105 -18.15 0.32 -20.25
C ILE D 105 -17.59 -0.26 -18.96
N GLY D 106 -17.33 -1.57 -18.96
CA GLY D 106 -16.76 -2.21 -17.79
C GLY D 106 -15.26 -2.03 -17.68
N ASP D 107 -14.72 -2.38 -16.52
CA ASP D 107 -13.29 -2.27 -16.31
C ASP D 107 -12.51 -3.23 -17.21
N ASP D 108 -13.15 -4.25 -17.76
CA ASP D 108 -12.53 -5.18 -18.70
C ASP D 108 -12.82 -4.81 -20.15
N ALA D 109 -13.36 -3.61 -20.39
CA ALA D 109 -13.68 -3.02 -21.70
C ALA D 109 -14.95 -3.56 -22.32
N LYS D 110 -15.72 -4.41 -21.62
CA LYS D 110 -17.00 -4.84 -22.16
C LYS D 110 -17.91 -3.63 -22.34
N ILE D 111 -18.66 -3.63 -23.43
CA ILE D 111 -19.49 -2.50 -23.82
C ILE D 111 -20.93 -2.94 -23.96
N LEU D 112 -21.85 -2.14 -23.43
CA LEU D 112 -23.27 -2.33 -23.62
C LEU D 112 -23.93 -1.00 -23.97
N ARG D 113 -24.86 -1.03 -24.91
CA ARG D 113 -25.55 0.17 -25.36
C ARG D 113 -27.04 -0.10 -25.48
N GLY D 114 -27.84 0.93 -25.22
CA GLY D 114 -29.27 0.88 -25.38
C GLY D 114 -29.86 2.20 -25.83
N PHE D 115 -30.60 2.18 -26.94
CA PHE D 115 -31.27 3.37 -27.47
C PHE D 115 -32.74 3.34 -27.10
N SER D 116 -33.23 4.44 -26.52
CA SER D 116 -34.60 4.51 -26.04
C SER D 116 -35.24 5.81 -26.48
N SER D 117 -36.56 5.80 -26.63
CA SER D 117 -37.34 6.98 -26.96
C SER D 117 -38.45 7.14 -25.94
N ASN D 118 -38.32 8.15 -25.07
CA ASN D 118 -39.28 8.39 -23.99
C ASN D 118 -39.46 7.14 -23.13
N GLY D 119 -38.37 6.42 -22.92
CA GLY D 119 -38.40 5.20 -22.12
C GLY D 119 -38.87 3.97 -22.86
N LYS D 120 -39.01 4.04 -24.18
CA LYS D 120 -39.50 2.94 -24.99
C LYS D 120 -38.40 2.46 -25.92
N MET D 121 -38.38 1.15 -26.17
CA MET D 121 -37.35 0.56 -27.01
C MET D 121 -37.48 1.07 -28.44
N VAL D 122 -36.37 1.55 -29.00
CA VAL D 122 -36.31 1.95 -30.39
C VAL D 122 -35.94 0.72 -31.23
N GLU D 123 -36.68 0.50 -32.31
CA GLU D 123 -36.51 -0.69 -33.14
C GLU D 123 -36.50 -0.30 -34.61
N GLY D 124 -36.14 -1.27 -35.45
CA GLY D 124 -36.21 -1.08 -36.89
C GLY D 124 -35.14 -0.14 -37.42
N ASP D 125 -35.50 0.58 -38.50
CA ASP D 125 -34.56 1.47 -39.16
C ASP D 125 -34.13 2.63 -38.27
N GLN D 126 -34.97 3.00 -37.31
CA GLN D 126 -34.56 4.00 -36.32
C GLN D 126 -33.35 3.53 -35.52
N LEU D 127 -33.41 2.30 -35.02
CA LEU D 127 -32.27 1.72 -34.31
C LEU D 127 -31.08 1.56 -35.24
N LYS D 128 -31.33 1.19 -36.50
CA LYS D 128 -30.23 1.04 -37.45
C LYS D 128 -29.53 2.37 -37.70
N THR D 129 -30.29 3.45 -37.85
CA THR D 129 -29.70 4.76 -38.09
C THR D 129 -28.89 5.23 -36.90
N MET D 130 -29.46 5.11 -35.69
CA MET D 130 -28.72 5.55 -34.51
C MET D 130 -27.48 4.69 -34.28
N ASP D 131 -27.58 3.37 -34.51
CA ASP D 131 -26.41 2.52 -34.34
C ASP D 131 -25.35 2.83 -35.39
N GLY D 132 -25.75 3.16 -36.62
CA GLY D 132 -24.78 3.57 -37.61
C GLY D 132 -24.08 4.87 -37.24
N LEU D 133 -24.84 5.82 -36.67
CA LEU D 133 -24.21 7.05 -36.19
C LEU D 133 -23.25 6.76 -35.05
N LEU D 134 -23.59 5.79 -34.20
CA LEU D 134 -22.67 5.39 -33.13
C LEU D 134 -21.40 4.77 -33.71
N GLU D 135 -21.54 3.95 -34.76
CA GLU D 135 -20.37 3.44 -35.47
C GLU D 135 -19.55 4.59 -36.06
N GLY D 136 -20.23 5.64 -36.52
CA GLY D 136 -19.52 6.79 -37.05
C GLY D 136 -18.69 7.48 -35.99
N TRP D 137 -19.29 7.74 -34.82
CA TRP D 137 -18.54 8.32 -33.72
C TRP D 137 -17.37 7.42 -33.31
N LEU D 138 -17.60 6.11 -33.26
CA LEU D 138 -16.53 5.18 -32.90
C LEU D 138 -15.37 5.26 -33.88
N ALA D 139 -15.66 5.17 -35.19
CA ALA D 139 -14.61 5.24 -36.20
C ALA D 139 -13.90 6.59 -36.18
N LYS D 140 -14.66 7.67 -36.00
CA LYS D 140 -14.07 9.01 -35.90
C LYS D 140 -13.04 9.08 -34.79
N ASN D 141 -13.29 8.38 -33.68
CA ASN D 141 -12.33 8.30 -32.58
C ASN D 141 -11.49 7.03 -32.65
N SER D 142 -11.46 6.36 -33.81
CA SER D 142 -10.65 5.16 -34.03
C SER D 142 -11.00 4.07 -33.01
N LEU D 143 -12.29 3.80 -32.86
CA LEU D 143 -12.80 2.82 -31.92
C LEU D 143 -13.77 1.89 -32.63
N ALA D 144 -13.88 0.67 -32.11
CA ALA D 144 -14.81 -0.31 -32.65
C ALA D 144 -15.36 -1.17 -31.53
N ILE D 145 -16.49 -1.80 -31.79
CA ILE D 145 -17.13 -2.74 -30.87
C ILE D 145 -16.97 -4.13 -31.45
N SER D 146 -16.08 -4.92 -30.85
CA SER D 146 -15.81 -6.28 -31.29
C SER D 146 -15.89 -7.21 -30.08
N GLY D 147 -16.60 -8.33 -30.24
CA GLY D 147 -16.70 -9.30 -29.17
C GLY D 147 -17.35 -8.76 -27.91
N GLY D 148 -18.25 -7.80 -28.05
CA GLY D 148 -18.84 -7.17 -26.88
C GLY D 148 -17.90 -6.27 -26.12
N ALA D 149 -16.77 -5.87 -26.72
CA ALA D 149 -15.79 -5.04 -26.05
C ALA D 149 -15.39 -3.87 -26.95
N VAL D 150 -14.93 -2.79 -26.31
CA VAL D 150 -14.40 -1.63 -27.02
C VAL D 150 -12.93 -1.88 -27.34
N VAL D 151 -12.56 -1.74 -28.60
CA VAL D 151 -11.20 -1.95 -29.06
C VAL D 151 -10.77 -0.74 -29.88
N LYS D 152 -9.46 -0.49 -29.90
CA LYS D 152 -8.90 0.52 -30.78
C LYS D 152 -8.56 -0.10 -32.12
N ILE D 153 -8.86 0.61 -33.20
CA ILE D 153 -8.68 0.11 -34.55
C ILE D 153 -7.64 0.98 -35.26
N ASP D 154 -6.61 0.34 -35.80
CA ASP D 154 -5.63 1.02 -36.64
C ASP D 154 -6.16 1.12 -38.07
N ASN D 155 -5.41 1.86 -38.90
CA ASN D 155 -5.80 2.06 -40.29
C ASN D 155 -6.13 0.74 -40.99
N THR D 156 -5.23 -0.25 -40.89
CA THR D 156 -5.50 -1.56 -41.48
C THR D 156 -6.64 -2.29 -40.78
N GLY D 157 -6.93 -1.93 -39.54
CA GLY D 157 -7.93 -2.62 -38.74
C GLY D 157 -7.37 -3.41 -37.57
N ASN D 158 -6.13 -3.15 -37.16
CA ASN D 158 -5.55 -3.89 -36.04
C ASN D 158 -6.19 -3.44 -34.74
N GLN D 159 -6.62 -4.41 -33.93
CA GLN D 159 -7.34 -4.16 -32.69
C GLN D 159 -6.39 -4.22 -31.51
N THR D 160 -6.32 -3.11 -30.76
CA THR D 160 -5.54 -3.03 -29.54
C THR D 160 -6.48 -2.77 -28.37
N LYS D 161 -6.01 -3.10 -27.17
CA LYS D 161 -6.81 -2.86 -25.98
C LYS D 161 -6.95 -1.37 -25.72
N VAL D 162 -8.06 -1.00 -25.10
CA VAL D 162 -8.38 0.39 -24.83
C VAL D 162 -8.46 0.59 -23.33
N ASP D 163 -8.33 1.84 -22.89
CA ASP D 163 -8.46 2.17 -21.47
C ASP D 163 -9.92 2.53 -21.20
N PRO D 164 -10.62 1.79 -20.34
CA PRO D 164 -12.05 2.07 -20.13
C PRO D 164 -12.36 3.48 -19.68
N GLN D 165 -11.66 4.00 -18.66
CA GLN D 165 -11.98 5.33 -18.15
C GLN D 165 -11.73 6.39 -19.21
N GLU D 166 -10.72 6.18 -20.05
CA GLU D 166 -10.47 7.11 -21.16
C GLU D 166 -11.68 7.21 -22.07
N ILE D 167 -12.27 6.06 -22.42
CA ILE D 167 -13.44 6.07 -23.30
C ILE D 167 -14.65 6.64 -22.57
N ARG D 168 -14.78 6.34 -21.28
CA ARG D 168 -15.88 6.90 -20.49
C ARG D 168 -15.87 8.42 -20.54
N GLN D 169 -14.69 9.02 -20.33
CA GLN D 169 -14.63 10.48 -20.37
C GLN D 169 -14.71 11.00 -21.80
N LEU D 170 -14.30 10.19 -22.78
CA LEU D 170 -14.43 10.60 -24.18
C LEU D 170 -15.90 10.70 -24.59
N ILE D 171 -16.73 9.79 -24.09
CA ILE D 171 -18.16 9.84 -24.42
C ILE D 171 -18.82 11.09 -23.85
N ASN D 172 -18.46 11.45 -22.61
CA ASN D 172 -19.11 12.57 -21.94
C ASN D 172 -18.45 13.92 -22.25
N ASP D 173 -17.44 13.95 -23.11
CA ASP D 173 -16.77 15.20 -23.44
C ASP D 173 -17.71 16.14 -24.18
N SER D 174 -17.61 17.43 -23.85
CA SER D 174 -18.48 18.43 -24.50
C SER D 174 -18.15 18.59 -25.98
N GLU D 175 -16.88 18.53 -26.34
CA GLU D 175 -16.47 18.75 -27.72
C GLU D 175 -16.42 17.45 -28.53
N LYS D 176 -15.84 16.39 -27.97
CA LYS D 176 -15.61 15.16 -28.71
C LYS D 176 -16.57 14.04 -28.32
N GLY D 177 -17.69 14.38 -27.67
CA GLY D 177 -18.58 13.37 -27.13
C GLY D 177 -19.63 12.89 -28.12
N VAL D 178 -20.32 11.82 -27.71
CA VAL D 178 -21.37 11.22 -28.54
C VAL D 178 -22.50 12.22 -28.78
N ALA D 179 -22.95 12.87 -27.70
CA ALA D 179 -24.03 13.84 -27.82
C ALA D 179 -23.69 14.94 -28.82
N LYS D 180 -22.46 15.45 -28.76
CA LYS D 180 -22.04 16.49 -29.70
C LYS D 180 -22.06 15.99 -31.14
N TYR D 181 -21.58 14.76 -31.37
CA TYR D 181 -21.59 14.18 -32.71
C TYR D 181 -23.03 14.11 -33.24
N PHE D 182 -23.95 13.61 -32.42
CA PHE D 182 -25.34 13.51 -32.83
C PHE D 182 -25.93 14.89 -33.12
N ALA D 183 -25.64 15.86 -32.25
CA ALA D 183 -26.14 17.22 -32.44
C ALA D 183 -25.60 17.81 -33.73
N ASP D 184 -24.31 17.62 -34.00
CA ASP D 184 -23.73 18.09 -35.26
C ASP D 184 -24.39 17.42 -36.45
N LYS D 185 -24.99 16.25 -36.25
CA LYS D 185 -25.76 15.64 -37.32
C LYS D 185 -27.24 16.03 -37.26
N GLY D 186 -27.59 17.02 -36.45
CA GLY D 186 -28.96 17.49 -36.38
C GLY D 186 -29.86 16.67 -35.48
N VAL D 187 -29.30 15.77 -34.66
CA VAL D 187 -30.06 14.83 -33.86
C VAL D 187 -29.84 15.16 -32.39
N GLY D 188 -30.91 15.48 -31.69
CA GLY D 188 -30.82 15.67 -30.26
C GLY D 188 -30.76 14.33 -29.53
N MET D 189 -29.59 13.98 -29.02
N MET D 189 -29.59 14.01 -29.00
CA MET D 189 -29.37 12.71 -28.35
CA MET D 189 -29.33 12.73 -28.34
C MET D 189 -28.84 12.96 -26.95
C MET D 189 -28.84 12.99 -26.93
N GLU D 190 -29.53 12.43 -25.95
CA GLU D 190 -29.09 12.50 -24.57
C GLU D 190 -28.27 11.25 -24.26
N VAL D 191 -27.10 11.45 -23.65
CA VAL D 191 -26.19 10.36 -23.33
C VAL D 191 -26.13 10.19 -21.82
N ALA D 192 -26.50 9.01 -21.34
CA ALA D 192 -26.47 8.68 -19.92
C ALA D 192 -25.59 7.46 -19.73
N GLN D 193 -24.39 7.67 -19.18
CA GLN D 193 -23.47 6.56 -18.91
C GLN D 193 -23.85 5.86 -17.62
N ARG D 194 -23.77 4.53 -17.64
CA ARG D 194 -24.11 3.72 -16.49
C ARG D 194 -22.94 2.82 -16.11
N THR D 195 -22.95 2.38 -14.86
CA THR D 195 -21.96 1.41 -14.41
C THR D 195 -22.27 0.07 -15.06
N TYR D 196 -21.26 -0.54 -15.69
CA TYR D 196 -21.46 -1.86 -16.26
C TYR D 196 -21.72 -2.83 -15.11
N GLN D 197 -22.75 -3.66 -15.24
CA GLN D 197 -23.16 -4.58 -14.18
C GLN D 197 -23.06 -6.02 -14.69
N GLU D 198 -22.07 -6.76 -14.20
CA GLU D 198 -21.99 -8.18 -14.51
C GLU D 198 -23.11 -8.91 -13.75
N PRO D 199 -23.57 -10.05 -14.27
CA PRO D 199 -24.72 -10.74 -13.63
C PRO D 199 -24.65 -10.86 -12.12
N LYS D 200 -23.51 -11.22 -11.55
CA LYS D 200 -23.45 -11.42 -10.10
C LYS D 200 -23.76 -10.13 -9.34
N ALA D 201 -23.40 -8.97 -9.90
CA ALA D 201 -23.72 -7.71 -9.21
C ALA D 201 -25.23 -7.49 -9.15
N LEU D 202 -25.93 -7.72 -10.26
CA LEU D 202 -27.38 -7.57 -10.26
C LEU D 202 -28.03 -8.59 -9.32
N GLU D 203 -27.47 -9.80 -9.26
CA GLU D 203 -28.01 -10.80 -8.35
C GLU D 203 -27.82 -10.37 -6.89
N THR D 204 -26.67 -9.76 -6.58
CA THR D 204 -26.44 -9.26 -5.23
C THR D 204 -27.42 -8.15 -4.86
N LYS D 205 -27.65 -7.21 -5.79
CA LYS D 205 -28.64 -6.17 -5.52
C LYS D 205 -30.02 -6.77 -5.30
N ARG D 206 -30.40 -7.74 -6.13
CA ARG D 206 -31.68 -8.42 -5.97
C ARG D 206 -31.79 -9.10 -4.62
N GLU D 207 -30.71 -9.76 -4.18
CA GLU D 207 -30.73 -10.44 -2.89
C GLU D 207 -30.85 -9.45 -1.75
N GLU D 208 -30.18 -8.30 -1.86
CA GLU D 208 -30.32 -7.26 -0.85
C GLU D 208 -31.77 -6.80 -0.73
N ILE D 209 -32.42 -6.51 -1.87
CA ILE D 209 -33.80 -6.07 -1.83
C ILE D 209 -34.69 -7.17 -1.24
N ARG D 210 -34.46 -8.43 -1.64
CA ARG D 210 -35.27 -9.53 -1.13
C ARG D 210 -35.13 -9.67 0.38
N GLN D 211 -33.91 -9.54 0.90
CA GLN D 211 -33.72 -9.62 2.34
C GLN D 211 -34.38 -8.46 3.06
N GLU D 212 -34.34 -7.26 2.47
CA GLU D 212 -35.05 -6.13 3.07
C GLU D 212 -36.55 -6.36 3.10
N ILE D 213 -37.08 -7.01 2.06
CA ILE D 213 -38.50 -7.33 2.03
C ILE D 213 -38.84 -8.35 3.12
N GLU D 214 -37.98 -9.36 3.29
CA GLU D 214 -38.21 -10.36 4.32
C GLU D 214 -38.02 -9.81 5.72
N SER D 215 -37.37 -8.66 5.87
CA SER D 215 -37.19 -8.04 7.17
C SER D 215 -38.51 -7.45 7.68
#